data_6RBN
#
_entry.id   6RBN
#
loop_
_entity.id
_entity.type
_entity.pdbx_description
1 polymer Afp1
2 polymer Afp2
3 polymer Afp3
#
loop_
_entity_poly.entity_id
_entity_poly.type
_entity_poly.pdbx_seq_one_letter_code
_entity_poly.pdbx_strand_id
1 'polypeptide(L)'
;MAITADDIAVQYPIPTYRFIVTLGDEQVPFTSASGLDINFDTIEYRDGTGNWFKMPGQRQAPNITLSKGVFPGKNAMYEW
INAIQLNQVEKKDIMISLTNEAGTEVLVSWNVSNAFPTSLTSPSFDATSNEIAVQQITLMADRVTIQTA
;
A,B
2 'polypeptide(L)'
;MTVTTTYPGVYLSEDAVSSFSVNSAATAVPLFAYDSENTNTINKPIQVFRNWAEFTVEYPTPLEDAFYTSLSLWFMHGGG
KCYLVNEANIADAVAQYDDITLIVAAGTDTTTYTAFTTVVGQGYRIFGLFDGPKEKIAGTAKPDEVMEEYPTSPFGAVFY
PWGTLASGAAVPPSAIAAASITQTDRTRGVWKAPANQAVNGVTPAFAVSDDFQGKYNQGKALNMIRTFSGQGTVVWGART
LEDSDNWRYIPVRRLFNAVERDIQKSLNKLVFEPNSQPTWQRVKAAVDSYLHSLWQQGALAGNTPADAWFVQVGKDLTMT
QEEINQGKMIIKIGLAAVRPAEFIILQFSQDIAQ
;
C
3 'polypeptide(L)'
;MATVTSVPGVYIEEDASPAMSVSASATAVPLFVARFTPLKPELAGVITRIGSWLDYTILFDSNVPSSARVTVSSTAVEPS
PEFDALETASSKATTTYTYQIDDTEVVDPTASVALRLYFQNGGGPCYLYPLEKADDNGPLAALPDLIDEVGEITLLASPD
PDETYRTAVYGALAASLDQHKGYFLLADSVNGDAPSAVGGSAQVAVYYPNVEVPHTRKLDDAEVAIDGYLDDEGKAVTTL
AALRVVNTEFAGEIAQSLSGDLSAPLSLPPSALIAGVYGKTDGERGVWKAPANVVLNGVSDVSVRVTNEQQAELNPKGIN
VIRHFSDRGLVVWGSRTQKDDDDWRYIPVRRLFDAAERDIKKALQPMVFEPNSQLTWKRVQTAIDNYLYRLWQQGALAGN
KAEEAYFVRVGKGITMTQDEINQGKMIIQVGMAAVRPAEFIILKFTQDMSQ
;
D
#
# COMPACT_ATOMS: atom_id res chain seq x y z
N ALA A 2 26.00 33.72 -12.21
CA ALA A 2 24.88 33.57 -13.13
C ALA A 2 24.78 32.13 -13.60
N ILE A 3 24.37 31.25 -12.69
CA ILE A 3 24.27 29.83 -12.98
C ILE A 3 22.82 29.37 -13.02
N THR A 4 21.91 30.13 -12.37
CA THR A 4 20.45 30.01 -12.44
C THR A 4 19.94 28.59 -12.16
N ALA A 5 19.82 28.27 -10.87
CA ALA A 5 19.95 26.92 -10.28
C ALA A 5 19.13 25.81 -10.96
N ASP A 6 18.22 26.14 -11.87
CA ASP A 6 17.66 25.12 -12.76
C ASP A 6 18.73 24.45 -13.61
N ASP A 7 19.82 25.16 -13.90
CA ASP A 7 20.97 24.55 -14.57
C ASP A 7 21.84 23.75 -13.61
N ILE A 8 21.73 23.97 -12.32
CA ILE A 8 22.47 23.16 -11.35
C ILE A 8 21.87 21.76 -11.29
N ALA A 9 20.54 21.65 -11.44
CA ALA A 9 19.87 20.36 -11.46
C ALA A 9 20.17 19.55 -12.72
N VAL A 10 20.80 20.14 -13.73
CA VAL A 10 21.15 19.44 -14.94
C VAL A 10 22.66 19.16 -15.01
N GLN A 11 23.48 20.05 -14.47
CA GLN A 11 24.91 20.06 -14.78
C GLN A 11 25.80 19.81 -13.56
N TYR A 12 25.26 19.89 -12.34
CA TYR A 12 26.20 19.72 -11.24
C TYR A 12 26.10 18.31 -10.65
N PRO A 13 27.17 17.78 -10.06
CA PRO A 13 27.10 16.44 -9.47
C PRO A 13 26.20 16.39 -8.25
N ILE A 14 25.81 15.17 -7.90
CA ILE A 14 24.82 14.91 -6.86
C ILE A 14 25.57 14.50 -5.59
N PRO A 15 25.27 15.10 -4.44
CA PRO A 15 25.90 14.67 -3.20
C PRO A 15 25.30 13.38 -2.66
N THR A 16 25.92 12.85 -1.60
CA THR A 16 25.59 11.53 -1.06
C THR A 16 24.64 11.57 0.11
N TYR A 17 24.44 12.72 0.76
CA TYR A 17 23.79 12.74 2.06
C TYR A 17 22.28 12.68 2.00
N ARG A 18 21.68 12.58 0.81
CA ARG A 18 20.23 12.53 0.67
C ARG A 18 19.86 11.27 -0.09
N PHE A 19 19.23 10.33 0.60
CA PHE A 19 18.88 9.06 -0.02
C PHE A 19 17.70 8.45 0.72
N ILE A 20 16.80 7.84 -0.04
CA ILE A 20 15.72 7.07 0.55
C ILE A 20 15.94 5.61 0.21
N VAL A 21 15.54 4.74 1.13
CA VAL A 21 15.73 3.30 1.00
C VAL A 21 14.37 2.65 1.07
N THR A 22 13.86 2.20 -0.07
CA THR A 22 12.62 1.43 -0.14
C THR A 22 12.98 -0.04 0.01
N LEU A 23 12.64 -0.61 1.15
CA LEU A 23 13.06 -1.96 1.52
C LEU A 23 11.85 -2.88 1.38
N GLY A 24 11.75 -3.50 0.21
CA GLY A 24 10.61 -4.36 -0.07
C GLY A 24 9.42 -3.56 -0.55
N ASP A 25 8.46 -3.34 0.35
CA ASP A 25 7.29 -2.53 0.05
C ASP A 25 7.17 -1.33 0.97
N GLU A 26 8.15 -1.11 1.85
CA GLU A 26 8.11 -0.01 2.80
C GLU A 26 9.42 0.75 2.73
N GLN A 27 9.36 2.03 3.08
CA GLN A 27 10.56 2.84 3.19
C GLN A 27 11.03 2.86 4.63
N VAL A 28 12.30 2.54 4.82
CA VAL A 28 12.90 2.48 6.15
C VAL A 28 14.03 3.51 6.19
N PRO A 29 14.10 4.37 7.20
CA PRO A 29 15.17 5.37 7.26
C PRO A 29 16.50 4.74 7.69
N PHE A 30 17.54 4.97 6.89
CA PHE A 30 18.86 4.47 7.19
C PHE A 30 19.86 5.62 7.23
N THR A 31 20.98 5.36 7.91
CA THR A 31 22.07 6.33 8.03
C THR A 31 23.11 6.14 6.94
N SER A 32 23.52 4.90 6.71
CA SER A 32 24.54 4.58 5.73
C SER A 32 24.03 3.51 4.78
N ALA A 33 24.67 3.44 3.62
CA ALA A 33 24.36 2.43 2.62
C ALA A 33 25.60 2.28 1.73
N SER A 34 26.27 1.14 1.82
CA SER A 34 27.49 0.93 1.07
C SER A 34 27.52 -0.47 0.47
N GLY A 35 28.41 -0.65 -0.50
CA GLY A 35 28.65 -1.96 -1.08
C GLY A 35 27.79 -2.30 -2.27
N LEU A 36 27.30 -1.31 -3.00
CA LEU A 36 26.40 -1.57 -4.13
C LEU A 36 27.21 -1.58 -5.43
N ASP A 37 28.17 -2.50 -5.46
CA ASP A 37 29.15 -2.56 -6.55
C ASP A 37 28.65 -3.50 -7.65
N ILE A 38 29.31 -3.41 -8.80
CA ILE A 38 29.12 -4.32 -9.92
C ILE A 38 30.51 -4.86 -10.26
N ASN A 39 30.82 -6.07 -9.82
CA ASN A 39 32.15 -6.64 -9.95
C ASN A 39 32.12 -7.84 -10.88
N PHE A 40 33.15 -7.97 -11.71
CA PHE A 40 33.32 -9.10 -12.60
C PHE A 40 34.61 -9.84 -12.28
N ASP A 41 34.67 -11.09 -12.72
CA ASP A 41 35.92 -11.84 -12.73
C ASP A 41 36.60 -11.70 -14.08
N THR A 42 37.81 -12.22 -14.18
CA THR A 42 38.62 -12.08 -15.38
C THR A 42 39.16 -13.43 -15.81
N ILE A 43 38.91 -13.79 -17.07
CA ILE A 43 39.40 -15.03 -17.67
C ILE A 43 40.50 -14.67 -18.65
N GLU A 44 41.65 -15.34 -18.53
CA GLU A 44 42.80 -15.04 -19.36
C GLU A 44 43.27 -16.30 -20.06
N TYR A 45 43.90 -16.12 -21.22
CA TYR A 45 44.43 -17.22 -22.00
C TYR A 45 45.63 -16.76 -22.81
N ARG A 46 46.75 -17.44 -22.64
CA ARG A 46 47.97 -17.15 -23.37
C ARG A 46 48.43 -18.40 -24.11
N ASP A 47 48.92 -18.21 -25.32
CA ASP A 47 49.56 -19.28 -26.06
C ASP A 47 51.03 -18.94 -26.28
N GLY A 48 51.71 -19.79 -27.05
CA GLY A 48 53.12 -19.61 -27.27
C GLY A 48 53.47 -18.58 -28.31
N THR A 49 52.55 -18.26 -29.20
CA THR A 49 52.83 -17.28 -30.26
C THR A 49 52.85 -15.86 -29.74
N GLY A 50 52.19 -15.59 -28.62
CA GLY A 50 52.24 -14.28 -28.03
C GLY A 50 50.87 -13.67 -27.79
N ASN A 51 49.83 -14.35 -28.23
CA ASN A 51 48.48 -13.83 -28.07
C ASN A 51 48.03 -13.93 -26.63
N TRP A 52 47.62 -12.81 -26.05
CA TRP A 52 46.95 -12.78 -24.76
C TRP A 52 45.48 -12.51 -25.03
N PHE A 53 44.60 -13.28 -24.42
CA PHE A 53 43.16 -13.08 -24.56
C PHE A 53 42.59 -12.74 -23.20
N LYS A 54 42.03 -11.55 -23.07
CA LYS A 54 41.46 -11.08 -21.80
C LYS A 54 39.96 -10.91 -21.98
N MET A 55 39.20 -11.48 -21.05
CA MET A 55 37.76 -11.57 -21.15
C MET A 55 37.14 -11.27 -19.80
N PRO A 56 35.94 -10.69 -19.78
CA PRO A 56 35.21 -10.61 -18.51
C PRO A 56 34.62 -11.96 -18.14
N GLY A 57 34.73 -12.31 -16.87
CA GLY A 57 34.18 -13.54 -16.35
C GLY A 57 32.72 -13.38 -15.98
N GLN A 58 32.30 -14.15 -14.99
CA GLN A 58 30.94 -14.05 -14.49
C GLN A 58 30.89 -13.15 -13.27
N ARG A 59 29.86 -12.30 -13.20
CA ARG A 59 29.77 -11.30 -12.15
C ARG A 59 29.36 -11.95 -10.83
N GLN A 60 30.03 -11.56 -9.75
CA GLN A 60 29.75 -12.16 -8.47
C GLN A 60 28.76 -11.33 -7.67
N ALA A 61 28.37 -11.88 -6.52
CA ALA A 61 27.25 -11.35 -5.77
C ALA A 61 27.66 -10.07 -5.03
N PRO A 62 26.76 -9.11 -4.92
CA PRO A 62 27.03 -7.93 -4.10
C PRO A 62 26.76 -8.18 -2.64
N ASN A 63 27.57 -7.55 -1.79
CA ASN A 63 27.41 -7.58 -0.34
C ASN A 63 27.12 -6.16 0.11
N ILE A 64 25.92 -5.93 0.61
CA ILE A 64 25.37 -4.59 0.82
C ILE A 64 25.22 -4.37 2.32
N THR A 65 25.71 -3.22 2.79
CA THR A 65 25.68 -2.86 4.20
C THR A 65 24.73 -1.70 4.41
N LEU A 66 23.71 -1.91 5.23
CA LEU A 66 22.79 -0.87 5.66
C LEU A 66 22.91 -0.70 7.16
N SER A 67 22.82 0.53 7.64
CA SER A 67 22.91 0.77 9.07
C SER A 67 21.96 1.87 9.49
N LYS A 68 21.21 1.64 10.56
CA LYS A 68 20.29 2.62 11.11
C LYS A 68 20.34 2.55 12.63
N GLY A 69 19.63 3.46 13.27
CA GLY A 69 19.62 3.54 14.71
C GLY A 69 18.57 2.66 15.34
N VAL A 70 18.68 2.52 16.67
CA VAL A 70 17.75 1.72 17.45
C VAL A 70 16.69 2.66 18.03
N PHE A 71 15.42 2.35 17.76
CA PHE A 71 14.27 3.16 18.11
C PHE A 71 13.41 2.44 19.13
N PRO A 72 12.60 3.17 19.92
CA PRO A 72 11.83 2.52 20.98
C PRO A 72 10.69 1.63 20.51
N GLY A 73 10.36 1.59 19.22
CA GLY A 73 9.26 0.78 18.78
C GLY A 73 9.62 -0.69 18.61
N LYS A 74 9.22 -1.29 17.49
CA LYS A 74 9.62 -2.65 17.17
C LYS A 74 10.75 -2.63 16.16
N ASN A 75 11.59 -3.65 16.20
CA ASN A 75 12.79 -3.71 15.38
C ASN A 75 12.48 -4.44 14.09
N ALA A 76 12.24 -3.70 13.02
CA ALA A 76 11.79 -4.29 11.76
C ALA A 76 12.90 -5.07 11.07
N MET A 77 14.16 -4.70 11.29
CA MET A 77 15.28 -5.48 10.78
C MET A 77 15.54 -6.73 11.59
N TYR A 78 14.96 -6.85 12.79
CA TYR A 78 15.13 -8.05 13.58
C TYR A 78 14.13 -9.14 13.20
N GLU A 79 12.86 -8.79 12.94
CA GLU A 79 11.91 -9.83 12.57
C GLU A 79 12.12 -10.35 11.15
N TRP A 80 12.98 -9.72 10.36
CA TRP A 80 13.31 -10.22 9.04
C TRP A 80 14.54 -11.11 9.05
N ILE A 81 15.40 -10.99 10.06
CA ILE A 81 16.52 -11.90 10.23
C ILE A 81 16.20 -13.00 11.24
N ASN A 82 15.14 -12.86 12.03
CA ASN A 82 14.76 -13.92 12.95
C ASN A 82 13.93 -15.00 12.28
N ALA A 83 13.30 -14.68 11.15
CA ALA A 83 12.40 -15.61 10.47
C ALA A 83 13.14 -16.43 9.42
N ILE A 84 14.17 -17.13 9.86
CA ILE A 84 14.96 -18.01 9.00
C ILE A 84 14.64 -19.45 9.40
N GLN A 85 14.33 -20.29 8.41
CA GLN A 85 14.16 -21.72 8.66
C GLN A 85 15.02 -22.47 7.65
N LEU A 86 16.32 -22.56 7.96
CA LEU A 86 17.33 -23.46 7.42
C LEU A 86 17.75 -23.23 5.98
N ASN A 87 16.87 -22.67 5.14
CA ASN A 87 17.25 -21.96 3.93
C ASN A 87 16.21 -20.91 3.53
N GLN A 88 15.18 -20.74 4.34
CA GLN A 88 13.99 -20.01 3.94
C GLN A 88 14.03 -18.60 4.50
N VAL A 89 13.82 -17.63 3.62
CA VAL A 89 13.87 -16.22 3.99
C VAL A 89 13.00 -15.46 2.99
N GLU A 90 12.24 -14.49 3.50
CA GLU A 90 11.51 -13.57 2.64
C GLU A 90 12.52 -12.64 1.99
N LYS A 91 12.87 -12.94 0.73
CA LYS A 91 13.81 -12.09 0.01
C LYS A 91 13.09 -10.84 -0.49
N LYS A 92 13.75 -9.70 -0.32
CA LYS A 92 13.17 -8.41 -0.66
C LYS A 92 14.04 -7.71 -1.69
N ASP A 93 13.44 -6.77 -2.41
CA ASP A 93 14.14 -5.94 -3.37
C ASP A 93 14.35 -4.54 -2.80
N ILE A 94 15.59 -4.06 -2.86
CA ILE A 94 15.99 -2.81 -2.23
C ILE A 94 16.17 -1.75 -3.31
N MET A 95 15.67 -0.55 -3.05
CA MET A 95 15.91 0.60 -3.92
C MET A 95 16.52 1.72 -3.09
N ILE A 96 17.68 2.19 -3.50
CA ILE A 96 18.34 3.32 -2.84
C ILE A 96 18.41 4.45 -3.85
N SER A 97 17.68 5.53 -3.60
CA SER A 97 17.47 6.60 -4.56
C SER A 97 18.11 7.88 -4.06
N LEU A 98 19.03 8.45 -4.84
CA LEU A 98 19.47 9.82 -4.58
C LEU A 98 18.32 10.77 -4.85
N THR A 99 18.01 11.61 -3.87
CA THR A 99 16.73 12.27 -3.81
C THR A 99 16.93 13.78 -3.76
N ASN A 100 15.87 14.51 -4.13
CA ASN A 100 15.76 15.94 -3.94
C ASN A 100 15.74 16.27 -2.44
N GLU A 101 15.90 17.56 -2.12
CA GLU A 101 15.89 17.99 -0.72
C GLU A 101 14.53 17.76 -0.07
N ALA A 102 13.44 18.12 -0.76
CA ALA A 102 12.12 17.90 -0.21
C ALA A 102 11.71 16.44 -0.26
N GLY A 103 12.27 15.66 -1.17
CA GLY A 103 11.89 14.28 -1.35
C GLY A 103 10.93 14.02 -2.49
N THR A 104 10.70 15.00 -3.36
CA THR A 104 9.70 14.90 -4.42
C THR A 104 10.30 14.62 -5.79
N GLU A 105 11.61 14.37 -5.86
CA GLU A 105 12.27 14.00 -7.10
C GLU A 105 13.32 12.93 -6.79
N VAL A 106 13.35 11.89 -7.62
CA VAL A 106 14.41 10.89 -7.59
C VAL A 106 15.40 11.22 -8.69
N LEU A 107 16.67 11.35 -8.34
CA LEU A 107 17.68 11.78 -9.30
C LEU A 107 18.34 10.58 -9.99
N VAL A 108 19.02 9.73 -9.22
CA VAL A 108 19.62 8.49 -9.67
C VAL A 108 19.35 7.45 -8.60
N SER A 109 18.82 6.30 -8.99
CA SER A 109 18.53 5.25 -8.01
C SER A 109 19.28 3.98 -8.36
N TRP A 110 19.52 3.18 -7.31
CA TRP A 110 20.19 1.88 -7.40
C TRP A 110 19.20 0.80 -7.01
N ASN A 111 19.00 -0.17 -7.89
CA ASN A 111 18.06 -1.25 -7.65
C ASN A 111 18.82 -2.52 -7.26
N VAL A 112 18.25 -3.25 -6.30
CA VAL A 112 18.82 -4.48 -5.77
C VAL A 112 17.74 -5.55 -5.86
N SER A 113 18.08 -6.71 -6.42
CA SER A 113 17.06 -7.62 -6.90
C SER A 113 16.48 -8.52 -5.81
N ASN A 114 17.31 -9.38 -5.20
CA ASN A 114 16.83 -10.32 -4.20
C ASN A 114 17.77 -10.28 -3.01
N ALA A 115 17.48 -9.42 -2.05
CA ALA A 115 18.32 -9.24 -0.88
C ALA A 115 17.72 -9.98 0.31
N PHE A 116 18.59 -10.59 1.11
CA PHE A 116 18.19 -11.26 2.33
C PHE A 116 19.29 -11.04 3.36
N PRO A 117 18.96 -10.96 4.65
CA PRO A 117 19.98 -10.64 5.64
C PRO A 117 20.88 -11.81 5.97
N THR A 118 22.16 -11.52 6.14
CA THR A 118 23.12 -12.50 6.61
C THR A 118 23.72 -12.15 7.96
N SER A 119 23.63 -10.90 8.41
CA SER A 119 24.15 -10.54 9.72
C SER A 119 23.40 -9.33 10.24
N LEU A 120 23.40 -9.18 11.56
CA LEU A 120 22.81 -8.02 12.22
C LEU A 120 23.61 -7.75 13.48
N THR A 121 24.46 -6.73 13.44
CA THR A 121 25.36 -6.45 14.55
C THR A 121 24.72 -5.45 15.50
N SER A 122 24.56 -5.84 16.75
CA SER A 122 24.07 -4.95 17.78
C SER A 122 25.13 -3.90 18.11
N PRO A 123 24.73 -2.75 18.65
CA PRO A 123 25.73 -1.73 19.00
C PRO A 123 26.59 -2.15 20.19
N SER A 124 27.78 -1.56 20.24
CA SER A 124 28.69 -1.78 21.35
C SER A 124 28.33 -0.83 22.49
N PHE A 125 27.92 -1.38 23.62
CA PHE A 125 27.51 -0.58 24.76
C PHE A 125 28.75 -0.12 25.50
N ASP A 126 28.82 1.18 25.80
CA ASP A 126 29.96 1.73 26.51
C ASP A 126 29.48 2.88 27.38
N ALA A 127 29.85 2.86 28.66
CA ALA A 127 29.38 3.86 29.59
C ALA A 127 30.08 5.20 29.46
N THR A 128 31.19 5.27 28.74
CA THR A 128 31.96 6.49 28.58
C THR A 128 31.84 7.03 27.16
N SER A 129 30.71 6.77 26.52
CA SER A 129 30.50 7.15 25.13
C SER A 129 29.27 8.03 25.01
N ASN A 130 29.25 8.82 23.95
CA ASN A 130 28.10 9.66 23.61
C ASN A 130 27.71 9.38 22.16
N GLU A 131 26.94 8.31 21.95
CA GLU A 131 26.61 7.84 20.62
C GLU A 131 25.21 7.26 20.61
N ILE A 132 24.67 7.05 19.42
CA ILE A 132 23.41 6.38 19.20
C ILE A 132 23.65 4.90 19.02
N ALA A 133 22.77 4.08 19.61
CA ALA A 133 22.71 2.65 19.34
C ALA A 133 22.40 2.44 17.87
N VAL A 134 23.37 1.97 17.12
CA VAL A 134 23.26 1.81 15.67
C VAL A 134 23.43 0.35 15.31
N GLN A 135 22.36 -0.25 14.79
CA GLN A 135 22.44 -1.57 14.20
C GLN A 135 22.99 -1.49 12.79
N GLN A 136 23.65 -2.57 12.36
CA GLN A 136 24.31 -2.62 11.07
C GLN A 136 24.04 -3.98 10.44
N ILE A 137 23.22 -3.99 9.41
CA ILE A 137 22.76 -5.22 8.75
C ILE A 137 23.49 -5.37 7.42
N THR A 138 23.90 -6.60 7.12
CA THR A 138 24.50 -6.91 5.83
C THR A 138 23.56 -7.81 5.05
N LEU A 139 23.53 -7.60 3.74
CA LEU A 139 22.59 -8.26 2.87
C LEU A 139 23.34 -8.98 1.77
N MET A 140 22.79 -10.11 1.34
CA MET A 140 23.30 -10.86 0.20
C MET A 140 22.32 -10.73 -0.95
N ALA A 141 22.79 -10.27 -2.10
CA ALA A 141 21.93 -10.08 -3.25
C ALA A 141 22.49 -10.80 -4.46
N ASP A 142 21.91 -10.56 -5.64
CA ASP A 142 22.37 -11.25 -6.83
C ASP A 142 22.73 -10.30 -7.97
N ARG A 143 22.09 -9.14 -8.05
CA ARG A 143 22.52 -8.14 -9.01
C ARG A 143 22.18 -6.75 -8.49
N VAL A 144 22.90 -5.77 -9.03
CA VAL A 144 22.68 -4.35 -8.74
C VAL A 144 22.58 -3.63 -10.07
N THR A 145 21.46 -2.96 -10.30
CA THR A 145 21.27 -2.17 -11.51
C THR A 145 21.04 -0.71 -11.15
N ILE A 146 21.31 0.16 -12.12
CA ILE A 146 21.21 1.60 -11.94
C ILE A 146 20.24 2.14 -12.99
N GLN A 147 19.14 2.73 -12.55
CA GLN A 147 18.30 3.50 -13.45
C GLN A 147 18.44 4.97 -13.14
N THR A 148 18.50 5.78 -14.19
CA THR A 148 18.82 7.20 -14.09
C THR A 148 17.65 8.00 -14.61
N ALA A 149 16.86 8.55 -13.70
CA ALA A 149 15.81 9.50 -14.06
C ALA A 149 15.52 10.41 -12.87
N ALA B 2 14.16 68.61 7.26
CA ALA B 2 13.02 67.93 7.84
C ALA B 2 13.08 66.45 7.52
N ILE B 3 13.01 65.61 8.55
CA ILE B 3 13.11 64.17 8.38
C ILE B 3 11.83 63.44 8.81
N THR B 4 10.92 64.11 9.57
CA THR B 4 9.57 63.68 9.94
C THR B 4 9.47 62.22 10.42
N ALA B 5 9.84 61.98 11.69
CA ALA B 5 10.19 60.72 12.33
C ALA B 5 9.38 59.47 11.98
N ASP B 6 8.18 59.61 11.43
CA ASP B 6 7.52 58.48 10.78
C ASP B 6 8.32 57.95 9.59
N ASP B 7 9.17 58.78 8.97
CA ASP B 7 10.09 58.27 7.96
C ASP B 7 11.32 57.61 8.56
N ILE B 8 11.68 57.95 9.80
CA ILE B 8 12.75 57.24 10.50
C ILE B 8 12.33 55.81 10.79
N ALA B 9 11.05 55.59 11.06
CA ALA B 9 10.54 54.25 11.29
C ALA B 9 10.41 53.41 10.03
N VAL B 10 10.74 53.96 8.87
CA VAL B 10 10.67 53.23 7.60
C VAL B 10 12.06 52.97 7.04
N GLN B 11 12.94 53.97 7.03
CA GLN B 11 14.18 53.88 6.27
C GLN B 11 15.44 54.08 7.08
N TYR B 12 15.36 54.27 8.39
CA TYR B 12 16.58 54.24 9.18
C TYR B 12 16.79 52.86 9.77
N PRO B 13 18.04 52.46 10.04
CA PRO B 13 18.30 51.14 10.60
C PRO B 13 17.85 51.05 12.06
N ILE B 14 17.98 49.85 12.60
CA ILE B 14 17.43 49.49 13.89
C ILE B 14 18.59 49.24 14.85
N PRO B 15 18.58 49.79 16.06
CA PRO B 15 19.61 49.47 17.04
C PRO B 15 19.33 48.14 17.74
N THR B 16 20.28 47.75 18.60
CA THR B 16 20.28 46.41 19.20
C THR B 16 20.02 46.43 20.71
N TYR B 17 19.58 47.54 21.27
CA TYR B 17 19.41 47.59 22.72
C TYR B 17 17.97 47.34 23.15
N ARG B 18 17.03 47.23 22.22
CA ARG B 18 15.62 47.07 22.56
C ARG B 18 15.14 45.76 21.92
N PHE B 19 14.96 44.73 22.73
CA PHE B 19 14.57 43.43 22.21
C PHE B 19 13.78 42.67 23.26
N ILE B 20 12.79 41.90 22.79
CA ILE B 20 11.97 41.05 23.62
C ILE B 20 12.29 39.60 23.27
N VAL B 21 12.51 38.78 24.28
CA VAL B 21 12.83 37.37 24.09
C VAL B 21 11.62 36.56 24.55
N THR B 22 10.91 35.97 23.59
CA THR B 22 9.80 35.07 23.89
C THR B 22 10.35 33.66 23.95
N LEU B 23 10.26 33.05 25.13
CA LEU B 23 10.94 31.80 25.45
C LEU B 23 9.87 30.73 25.69
N GLY B 24 9.48 30.05 24.61
CA GLY B 24 8.39 29.11 24.69
C GLY B 24 7.07 29.82 24.56
N ASP B 25 6.40 29.99 25.69
CA ASP B 25 5.16 30.76 25.77
C ASP B 25 5.25 31.92 26.74
N GLU B 26 6.44 32.22 27.26
CA GLU B 26 6.62 33.25 28.26
C GLU B 26 7.67 34.23 27.77
N GLN B 27 7.61 35.46 28.30
CA GLN B 27 8.64 36.44 28.06
C GLN B 27 9.60 36.48 29.25
N VAL B 28 10.88 36.31 28.97
CA VAL B 28 11.90 36.33 30.00
C VAL B 28 12.87 37.46 29.66
N PRO B 29 13.17 38.35 30.61
CA PRO B 29 14.09 39.46 30.30
C PRO B 29 15.54 39.01 30.29
N PHE B 30 16.20 39.21 29.17
CA PHE B 30 17.61 38.88 29.03
C PHE B 30 18.43 40.14 28.81
N THR B 31 19.73 40.03 29.09
CA THR B 31 20.65 41.14 28.87
C THR B 31 21.33 41.04 27.51
N SER B 32 21.82 39.87 27.14
CA SER B 32 22.50 39.66 25.87
C SER B 32 21.89 38.47 25.14
N ALA B 33 22.16 38.43 23.84
CA ALA B 33 21.65 37.35 22.97
C ALA B 33 22.50 37.37 21.70
N SER B 34 23.19 36.27 21.43
CA SER B 34 24.01 36.18 20.23
C SER B 34 24.07 34.75 19.73
N GLY B 35 24.54 34.60 18.51
CA GLY B 35 24.76 33.29 17.93
C GLY B 35 23.63 32.74 17.09
N LEU B 36 22.78 33.58 16.54
CA LEU B 36 21.62 33.11 15.79
C LEU B 36 21.96 33.12 14.29
N ASP B 37 22.95 32.31 13.95
CA ASP B 37 23.55 32.33 12.62
C ASP B 37 22.88 31.30 11.72
N ILE B 38 23.10 31.47 10.42
CA ILE B 38 22.67 30.51 9.40
C ILE B 38 23.92 30.12 8.63
N ASN B 39 24.45 28.93 8.91
CA ASN B 39 25.72 28.48 8.34
C ASN B 39 25.51 27.24 7.50
N PHE B 40 26.12 27.21 6.32
CA PHE B 40 26.11 26.05 5.44
C PHE B 40 27.51 25.47 5.31
N ASP B 41 27.57 24.23 4.85
CA ASP B 41 28.83 23.61 4.46
C ASP B 41 29.05 23.79 2.96
N THR B 42 30.17 23.28 2.48
CA THR B 42 30.59 23.47 1.10
C THR B 42 30.95 22.15 0.47
N ILE B 43 30.32 21.85 -0.68
CA ILE B 43 30.69 20.71 -1.51
C ILE B 43 31.53 21.22 -2.65
N GLU B 44 32.61 20.51 -2.98
CA GLU B 44 33.49 20.89 -4.08
C GLU B 44 33.76 19.66 -4.94
N TYR B 45 33.96 19.92 -6.23
CA TYR B 45 34.26 18.85 -7.17
C TYR B 45 35.06 19.41 -8.33
N ARG B 46 36.22 18.81 -8.57
CA ARG B 46 37.09 19.21 -9.66
C ARG B 46 37.38 18.02 -10.56
N ASP B 47 37.38 18.26 -11.86
CA ASP B 47 37.79 17.27 -12.84
C ASP B 47 39.07 17.73 -13.52
N GLY B 48 39.58 16.89 -14.41
CA GLY B 48 40.84 17.21 -15.05
C GLY B 48 40.74 18.23 -16.15
N THR B 49 39.54 18.52 -16.62
CA THR B 49 39.38 19.47 -17.72
C THR B 49 39.37 20.92 -17.24
N GLY B 50 39.09 21.17 -15.97
CA GLY B 50 39.08 22.51 -15.43
C GLY B 50 37.79 22.93 -14.76
N ASN B 51 36.74 22.13 -14.83
CA ASN B 51 35.47 22.50 -14.23
C ASN B 51 35.56 22.36 -12.72
N TRP B 52 35.44 23.47 -12.01
CA TRP B 52 35.26 23.45 -10.57
C TRP B 52 33.77 23.57 -10.31
N PHE B 53 33.23 22.69 -9.46
CA PHE B 53 31.82 22.73 -9.11
C PHE B 53 31.68 23.05 -7.64
N LYS B 54 31.13 24.22 -7.32
CA LYS B 54 30.97 24.69 -5.96
C LYS B 54 29.50 24.71 -5.60
N MET B 55 29.15 24.11 -4.46
CA MET B 55 27.79 23.85 -4.08
C MET B 55 27.62 24.06 -2.58
N PRO B 56 26.47 24.54 -2.14
CA PRO B 56 26.20 24.56 -0.71
C PRO B 56 25.94 23.15 -0.18
N GLY B 57 26.51 22.86 0.97
CA GLY B 57 26.33 21.57 1.62
C GLY B 57 25.04 21.52 2.40
N GLN B 58 25.08 20.86 3.54
CA GLN B 58 23.94 20.85 4.45
C GLN B 58 24.21 21.77 5.63
N ARG B 59 23.18 22.52 6.03
CA ARG B 59 23.35 23.51 7.08
C ARG B 59 23.45 22.83 8.44
N GLN B 60 24.33 23.35 9.28
CA GLN B 60 24.53 22.76 10.59
C GLN B 60 23.76 23.52 11.65
N ALA B 61 23.84 22.99 12.87
CA ALA B 61 22.97 23.45 13.94
C ALA B 61 23.45 24.78 14.50
N PRO B 62 22.53 25.68 14.85
CA PRO B 62 22.93 26.91 15.52
C PRO B 62 23.17 26.70 17.00
N ASN B 63 24.07 27.50 17.55
CA ASN B 63 24.34 27.50 18.98
C ASN B 63 24.09 28.91 19.51
N ILE B 64 22.97 29.07 20.22
CA ILE B 64 22.49 30.36 20.68
C ILE B 64 22.86 30.49 22.16
N THR B 65 23.48 31.60 22.53
CA THR B 65 23.82 31.87 23.92
C THR B 65 23.05 33.10 24.42
N LEU B 66 22.42 32.95 25.57
CA LEU B 66 21.65 34.00 26.22
C LEU B 66 22.25 34.26 27.59
N SER B 67 22.08 35.47 28.12
CA SER B 67 22.56 35.77 29.45
C SER B 67 21.62 36.74 30.15
N LYS B 68 21.29 36.44 31.40
CA LYS B 68 20.45 37.31 32.20
C LYS B 68 20.99 37.33 33.63
N GLY B 69 20.44 38.24 34.44
CA GLY B 69 20.91 38.40 35.80
C GLY B 69 20.20 37.46 36.77
N VAL B 70 20.80 37.34 37.94
CA VAL B 70 20.26 36.49 39.00
C VAL B 70 19.37 37.32 39.89
N PHE B 71 18.12 36.91 40.03
CA PHE B 71 17.07 37.57 40.78
C PHE B 71 16.71 36.75 42.01
N PRO B 72 16.19 37.38 43.07
CA PRO B 72 15.98 36.65 44.33
C PRO B 72 14.86 35.62 44.31
N GLY B 73 14.03 35.58 43.27
CA GLY B 73 12.94 34.65 43.25
C GLY B 73 13.31 33.25 42.83
N LYS B 74 12.56 32.71 41.87
CA LYS B 74 12.72 31.36 41.36
C LYS B 74 13.51 31.39 40.06
N ASN B 75 14.46 30.47 39.93
CA ASN B 75 15.36 30.42 38.78
C ASN B 75 14.70 29.57 37.70
N ALA B 76 14.21 30.22 36.64
CA ALA B 76 13.51 29.50 35.59
C ALA B 76 14.45 28.78 34.65
N MET B 77 15.71 29.21 34.56
CA MET B 77 16.67 28.57 33.66
C MET B 77 17.35 27.38 34.30
N TYR B 78 17.42 27.34 35.63
CA TYR B 78 17.86 26.12 36.30
C TYR B 78 16.79 25.05 36.24
N GLU B 79 15.52 25.44 36.33
CA GLU B 79 14.42 24.47 36.29
C GLU B 79 14.21 23.86 34.92
N TRP B 80 14.84 24.38 33.88
CA TRP B 80 14.71 23.82 32.54
C TRP B 80 15.94 23.02 32.13
N ILE B 81 17.10 23.28 32.75
CA ILE B 81 18.27 22.44 32.54
C ILE B 81 18.38 21.34 33.59
N ASN B 82 17.60 21.41 34.66
CA ASN B 82 17.58 20.30 35.62
C ASN B 82 16.65 19.19 35.18
N ALA B 83 15.73 19.46 34.25
CA ALA B 83 14.77 18.46 33.81
C ALA B 83 15.28 17.71 32.57
N ILE B 84 16.51 17.21 32.68
CA ILE B 84 17.11 16.36 31.66
C ILE B 84 17.12 14.94 32.19
N GLN B 85 16.48 14.02 31.46
CA GLN B 85 16.57 12.60 31.79
C GLN B 85 16.99 11.87 30.52
N LEU B 86 18.30 11.93 30.23
CA LEU B 86 19.07 11.11 29.28
C LEU B 86 18.74 11.31 27.80
N ASN B 87 17.53 11.73 27.49
CA ASN B 87 17.11 12.23 26.19
C ASN B 87 16.13 13.36 26.32
N GLN B 88 15.44 13.46 27.43
CA GLN B 88 14.12 14.05 27.50
C GLN B 88 14.25 15.48 28.03
N VAL B 89 13.95 16.42 27.15
CA VAL B 89 14.00 17.83 27.47
C VAL B 89 12.80 18.49 26.80
N GLU B 90 12.17 19.43 27.50
CA GLU B 90 11.14 20.25 26.89
C GLU B 90 11.81 21.19 25.91
N LYS B 91 11.68 20.90 24.61
CA LYS B 91 12.11 21.85 23.60
C LYS B 91 11.20 23.06 23.62
N LYS B 92 11.76 24.23 23.32
CA LYS B 92 10.99 25.47 23.30
C LYS B 92 11.27 26.23 22.01
N ASP B 93 10.34 27.11 21.66
CA ASP B 93 10.48 28.01 20.53
C ASP B 93 11.04 29.34 21.05
N ILE B 94 12.17 29.77 20.50
CA ILE B 94 12.76 31.04 20.89
C ILE B 94 12.35 32.08 19.88
N MET B 95 11.93 33.25 20.35
CA MET B 95 11.68 34.39 19.50
C MET B 95 12.41 35.58 20.07
N ILE B 96 13.34 36.16 19.32
CA ILE B 96 14.05 37.34 19.75
C ILE B 96 13.72 38.45 18.76
N SER B 97 12.89 39.39 19.18
CA SER B 97 12.31 40.40 18.30
C SER B 97 12.85 41.78 18.66
N LEU B 98 13.42 42.47 17.69
CA LEU B 98 13.72 43.88 17.85
C LEU B 98 12.42 44.66 17.86
N THR B 99 12.21 45.45 18.92
CA THR B 99 10.90 45.98 19.24
C THR B 99 11.00 47.50 19.25
N ASN B 100 9.85 48.18 19.27
CA ASN B 100 9.87 49.62 19.49
C ASN B 100 10.14 49.92 20.97
N GLU B 101 10.22 51.22 21.27
CA GLU B 101 10.60 51.63 22.63
C GLU B 101 9.48 51.38 23.62
N ALA B 102 8.23 51.35 23.14
CA ALA B 102 7.11 51.00 24.01
C ALA B 102 7.08 49.51 24.31
N GLY B 103 7.55 48.67 23.39
CA GLY B 103 7.58 47.24 23.58
C GLY B 103 6.39 46.49 23.03
N THR B 104 5.63 47.07 22.11
CA THR B 104 4.35 46.51 21.71
C THR B 104 4.28 46.08 20.25
N GLU B 105 5.31 46.34 19.44
CA GLU B 105 5.26 45.91 18.05
C GLU B 105 6.64 45.55 17.53
N VAL B 106 6.70 44.49 16.72
CA VAL B 106 7.94 43.89 16.26
C VAL B 106 8.41 44.63 15.02
N LEU B 107 9.70 44.97 14.99
CA LEU B 107 10.32 45.53 13.78
C LEU B 107 10.87 44.43 12.90
N VAL B 108 11.69 43.54 13.47
CA VAL B 108 12.23 42.37 12.79
C VAL B 108 12.55 41.33 13.86
N SER B 109 12.33 40.06 13.55
CA SER B 109 12.44 39.00 14.53
C SER B 109 13.34 37.87 14.01
N TRP B 110 14.02 37.22 14.95
CA TRP B 110 14.83 36.02 14.69
C TRP B 110 14.22 34.86 15.45
N ASN B 111 13.67 33.90 14.71
CA ASN B 111 12.97 32.77 15.30
C ASN B 111 13.87 31.54 15.32
N VAL B 112 13.68 30.70 16.33
CA VAL B 112 14.53 29.54 16.60
C VAL B 112 13.63 28.37 16.98
N SER B 113 13.79 27.24 16.28
CA SER B 113 12.72 26.26 16.21
C SER B 113 12.65 25.34 17.44
N ASN B 114 13.66 24.50 17.65
CA ASN B 114 13.57 23.50 18.72
C ASN B 114 14.84 23.60 19.57
N ALA B 115 14.83 24.50 20.54
CA ALA B 115 16.00 24.77 21.35
C ALA B 115 15.91 24.05 22.68
N PHE B 116 17.05 23.55 23.15
CA PHE B 116 17.15 22.91 24.45
C PHE B 116 18.49 23.31 25.05
N PRO B 117 18.58 23.41 26.37
CA PRO B 117 19.82 23.91 26.98
C PRO B 117 20.92 22.85 27.02
N THR B 118 22.14 23.29 26.72
CA THR B 118 23.31 22.45 26.84
C THR B 118 24.29 22.92 27.90
N SER B 119 24.21 24.17 28.34
CA SER B 119 25.09 24.64 29.40
C SER B 119 24.42 25.76 30.18
N LEU B 120 24.92 26.00 31.38
CA LEU B 120 24.43 27.07 32.26
C LEU B 120 25.58 27.42 33.20
N THR B 121 26.16 28.61 33.02
CA THR B 121 27.34 29.00 33.78
C THR B 121 26.93 29.79 35.01
N SER B 122 27.62 29.55 36.11
CA SER B 122 27.40 30.34 37.32
C SER B 122 28.06 31.71 37.18
N PRO B 123 27.64 32.71 37.94
CA PRO B 123 28.37 33.97 37.96
C PRO B 123 29.73 33.82 38.63
N SER B 124 30.63 34.73 38.30
CA SER B 124 31.95 34.74 38.88
C SER B 124 31.93 35.54 40.17
N PHE B 125 32.13 34.87 41.30
CA PHE B 125 32.07 35.48 42.62
C PHE B 125 33.41 36.14 42.90
N ASP B 126 33.40 37.43 43.18
CA ASP B 126 34.61 38.18 43.49
C ASP B 126 34.28 39.21 44.55
N ALA B 127 35.05 39.22 45.63
CA ALA B 127 34.79 40.12 46.73
C ALA B 127 35.20 41.56 46.46
N THR B 128 35.91 41.82 45.37
CA THR B 128 36.41 43.15 45.03
C THR B 128 35.79 43.64 43.73
N SER B 129 34.52 43.34 43.48
CA SER B 129 33.90 43.68 42.21
C SER B 129 32.49 44.18 42.44
N ASN B 130 32.15 45.29 41.78
CA ASN B 130 30.80 45.84 41.81
C ASN B 130 30.07 45.47 40.52
N GLU B 131 29.61 44.22 40.47
CA GLU B 131 28.94 43.69 39.29
C GLU B 131 27.68 42.94 39.70
N ILE B 132 26.88 42.59 38.70
CA ILE B 132 25.64 41.85 38.89
C ILE B 132 25.89 40.39 38.52
N ALA B 133 25.33 39.48 39.31
CA ALA B 133 25.42 38.04 39.07
C ALA B 133 24.69 37.68 37.79
N VAL B 134 25.42 37.24 36.78
CA VAL B 134 24.88 36.97 35.46
C VAL B 134 25.09 35.50 35.13
N GLN B 135 23.99 34.77 34.98
CA GLN B 135 24.04 33.42 34.41
C GLN B 135 24.03 33.51 32.90
N GLN B 136 24.69 32.56 32.26
CA GLN B 136 24.77 32.51 30.79
C GLN B 136 24.42 31.11 30.32
N ILE B 137 23.27 30.97 29.66
CA ILE B 137 22.78 29.71 29.15
C ILE B 137 23.05 29.63 27.65
N THR B 138 23.50 28.46 27.20
CA THR B 138 23.68 28.23 25.77
C THR B 138 22.69 27.18 25.31
N LEU B 139 22.13 27.40 24.13
CA LEU B 139 21.06 26.58 23.60
C LEU B 139 21.52 25.95 22.30
N MET B 140 20.89 24.85 21.94
CA MET B 140 21.14 24.20 20.65
C MET B 140 19.81 23.91 19.96
N ALA B 141 19.71 24.33 18.71
CA ALA B 141 18.49 24.15 17.93
C ALA B 141 18.77 23.59 16.56
N ASP B 142 17.78 23.64 15.68
CA ASP B 142 17.90 23.07 14.34
C ASP B 142 17.70 24.09 13.23
N ARG B 143 16.95 25.16 13.48
CA ARG B 143 16.65 26.11 12.42
C ARG B 143 16.57 27.51 12.99
N VAL B 144 17.08 28.47 12.23
CA VAL B 144 16.94 29.90 12.53
C VAL B 144 16.16 30.54 11.40
N THR B 145 15.06 31.21 11.74
CA THR B 145 14.17 31.85 10.78
C THR B 145 14.10 33.34 11.10
N ILE B 146 14.15 34.17 10.06
CA ILE B 146 14.02 35.62 10.20
C ILE B 146 12.70 36.04 9.59
N GLN B 147 11.77 36.48 10.44
CA GLN B 147 10.53 37.10 9.96
C GLN B 147 10.66 38.61 10.10
N THR B 148 10.25 39.33 9.07
CA THR B 148 10.31 40.79 9.05
C THR B 148 8.90 41.33 8.83
N ALA B 149 8.49 42.26 9.68
CA ALA B 149 7.16 42.84 9.62
C ALA B 149 7.14 44.21 10.27
N VAL C 3 -14.18 -46.76 7.72
CA VAL C 3 -14.21 -47.54 8.96
C VAL C 3 -14.53 -46.63 10.14
N THR C 4 -14.96 -47.24 11.24
CA THR C 4 -15.27 -46.53 12.48
C THR C 4 -14.19 -46.86 13.50
N THR C 5 -13.52 -45.83 14.01
CA THR C 5 -12.37 -46.02 14.87
C THR C 5 -12.80 -46.14 16.33
N THR C 6 -12.58 -47.32 16.91
CA THR C 6 -12.82 -47.52 18.33
C THR C 6 -11.54 -47.83 19.10
N TYR C 7 -10.83 -48.90 18.76
CA TYR C 7 -9.69 -49.32 19.56
C TYR C 7 -8.38 -48.80 18.97
N PRO C 8 -7.34 -48.58 19.79
CA PRO C 8 -6.13 -47.89 19.31
C PRO C 8 -5.19 -48.72 18.45
N GLY C 9 -5.59 -49.86 17.91
CA GLY C 9 -4.69 -50.71 17.16
C GLY C 9 -4.46 -50.26 15.73
N VAL C 10 -4.22 -51.24 14.86
CA VAL C 10 -4.02 -51.03 13.43
C VAL C 10 -5.20 -51.67 12.72
N TYR C 11 -5.80 -50.94 11.78
CA TYR C 11 -7.01 -51.40 11.10
C TYR C 11 -6.68 -51.96 9.72
N LEU C 12 -7.58 -52.81 9.25
CA LEU C 12 -7.46 -53.42 7.93
C LEU C 12 -8.80 -53.30 7.23
N SER C 13 -8.81 -52.68 6.05
CA SER C 13 -10.02 -52.59 5.25
C SER C 13 -9.66 -52.81 3.79
N GLU C 14 -10.62 -53.29 3.03
CA GLU C 14 -10.42 -53.59 1.61
C GLU C 14 -11.48 -52.93 0.74
N ASP C 15 -11.92 -51.74 1.11
CA ASP C 15 -12.88 -51.01 0.30
C ASP C 15 -12.18 -50.38 -0.91
N ALA C 16 -12.97 -50.04 -1.92
CA ALA C 16 -12.46 -49.49 -3.17
C ALA C 16 -12.22 -48.00 -2.98
N VAL C 17 -10.96 -47.59 -2.94
CA VAL C 17 -10.58 -46.21 -2.79
C VAL C 17 -9.66 -45.81 -3.95
N SER C 18 -9.45 -44.51 -4.09
CA SER C 18 -8.56 -43.96 -5.09
C SER C 18 -7.90 -42.70 -4.53
N SER C 19 -6.76 -42.35 -5.09
CA SER C 19 -6.02 -41.20 -4.60
C SER C 19 -5.16 -40.62 -5.71
N PHE C 20 -5.11 -39.30 -5.78
CA PHE C 20 -4.25 -38.61 -6.72
C PHE C 20 -3.57 -37.45 -6.00
N SER C 21 -2.29 -37.27 -6.26
CA SER C 21 -1.50 -36.22 -5.62
C SER C 21 -1.55 -34.93 -6.43
N VAL C 22 -1.62 -33.81 -5.73
CA VAL C 22 -1.67 -32.50 -6.37
C VAL C 22 -0.25 -32.07 -6.72
N ASN C 23 -0.04 -31.71 -7.98
CA ASN C 23 1.24 -31.23 -8.48
C ASN C 23 1.01 -29.99 -9.32
N SER C 24 0.30 -29.02 -8.75
CA SER C 24 -0.34 -27.95 -9.50
C SER C 24 0.66 -26.91 -10.00
N ALA C 25 0.16 -26.06 -10.90
CA ALA C 25 0.85 -24.87 -11.35
C ALA C 25 -0.06 -23.66 -11.11
N ALA C 26 0.56 -22.53 -10.78
CA ALA C 26 -0.21 -21.35 -10.40
C ALA C 26 -0.87 -20.65 -11.59
N THR C 27 -0.35 -20.84 -12.80
CA THR C 27 -0.87 -20.17 -13.98
C THR C 27 -2.00 -20.92 -14.65
N ALA C 28 -2.53 -21.95 -14.02
CA ALA C 28 -3.63 -22.75 -14.59
C ALA C 28 -4.63 -23.02 -13.47
N VAL C 29 -5.59 -22.11 -13.32
CA VAL C 29 -6.73 -22.29 -12.43
C VAL C 29 -7.99 -22.23 -13.27
N PRO C 30 -8.59 -23.36 -13.59
CA PRO C 30 -9.64 -23.41 -14.60
C PRO C 30 -11.04 -23.26 -14.02
N LEU C 31 -11.97 -22.95 -14.93
CA LEU C 31 -13.40 -22.96 -14.65
C LEU C 31 -14.01 -24.02 -15.56
N PHE C 32 -14.58 -25.06 -14.96
CA PHE C 32 -15.25 -26.12 -15.72
C PHE C 32 -16.74 -25.79 -15.79
N ALA C 33 -17.21 -25.43 -16.98
CA ALA C 33 -18.61 -25.09 -17.18
C ALA C 33 -19.43 -26.35 -17.44
N TYR C 34 -20.53 -26.50 -16.71
CA TYR C 34 -21.47 -27.57 -16.95
C TYR C 34 -22.81 -27.01 -17.40
N ASP C 35 -23.65 -27.88 -17.96
CA ASP C 35 -24.91 -27.47 -18.55
C ASP C 35 -25.93 -27.17 -17.46
N SER C 36 -26.79 -26.18 -17.74
CA SER C 36 -27.85 -25.82 -16.80
C SER C 36 -28.90 -26.92 -16.73
N GLU C 37 -29.15 -27.60 -17.84
CA GLU C 37 -30.06 -28.75 -17.89
C GLU C 37 -29.34 -30.03 -17.50
N ASN C 38 -28.83 -30.05 -16.27
CA ASN C 38 -28.19 -31.23 -15.71
C ASN C 38 -28.93 -31.64 -14.44
N THR C 39 -29.00 -32.95 -14.21
CA THR C 39 -29.84 -33.49 -13.15
C THR C 39 -29.06 -33.97 -11.93
N ASN C 40 -27.77 -34.31 -12.08
CA ASN C 40 -27.03 -34.94 -11.00
C ASN C 40 -25.91 -34.05 -10.45
N THR C 41 -26.16 -32.76 -10.34
CA THR C 41 -25.24 -31.84 -9.69
C THR C 41 -25.88 -31.24 -8.45
N ILE C 42 -25.03 -30.81 -7.52
CA ILE C 42 -25.47 -30.01 -6.39
C ILE C 42 -25.97 -28.68 -6.91
N ASN C 43 -27.09 -28.19 -6.36
CA ASN C 43 -27.75 -26.97 -6.82
C ASN C 43 -26.97 -25.69 -6.52
N LYS C 44 -25.80 -25.78 -5.89
CA LYS C 44 -24.90 -24.65 -5.78
C LYS C 44 -24.42 -24.23 -7.16
N PRO C 45 -24.55 -22.97 -7.54
CA PRO C 45 -24.12 -22.56 -8.88
C PRO C 45 -22.61 -22.47 -9.04
N ILE C 46 -21.90 -22.15 -7.96
CA ILE C 46 -20.44 -22.05 -7.96
C ILE C 46 -19.92 -22.84 -6.78
N GLN C 47 -19.02 -23.79 -7.04
CA GLN C 47 -18.42 -24.59 -5.98
C GLN C 47 -16.95 -24.82 -6.26
N VAL C 48 -16.18 -24.96 -5.18
CA VAL C 48 -14.72 -24.89 -5.21
C VAL C 48 -14.16 -26.23 -4.75
N PHE C 49 -13.28 -26.79 -5.57
CA PHE C 49 -12.69 -28.11 -5.30
C PHE C 49 -11.17 -27.99 -5.33
N ARG C 50 -10.53 -28.24 -4.20
CA ARG C 50 -9.08 -28.03 -4.10
C ARG C 50 -8.28 -29.25 -4.51
N ASN C 51 -8.79 -30.46 -4.29
CA ASN C 51 -8.08 -31.67 -4.67
C ASN C 51 -9.10 -32.76 -4.97
N TRP C 52 -8.57 -33.97 -5.24
CA TRP C 52 -9.44 -35.10 -5.57
C TRP C 52 -10.21 -35.60 -4.35
N ALA C 53 -9.67 -35.40 -3.16
CA ALA C 53 -10.36 -35.85 -1.95
C ALA C 53 -11.61 -35.03 -1.68
N GLU C 54 -11.56 -33.71 -1.92
CA GLU C 54 -12.74 -32.88 -1.73
C GLU C 54 -13.77 -33.11 -2.82
N PHE C 55 -13.34 -33.56 -3.99
CA PHE C 55 -14.29 -33.76 -5.08
C PHE C 55 -15.11 -35.03 -4.90
N THR C 56 -14.50 -36.08 -4.33
CA THR C 56 -15.23 -37.32 -4.09
C THR C 56 -16.09 -37.28 -2.84
N VAL C 57 -16.02 -36.20 -2.05
CA VAL C 57 -16.99 -36.04 -0.96
C VAL C 57 -18.32 -35.58 -1.52
N GLU C 58 -18.30 -34.63 -2.45
CA GLU C 58 -19.53 -34.11 -3.03
C GLU C 58 -20.08 -34.99 -4.14
N TYR C 59 -19.24 -35.83 -4.74
CA TYR C 59 -19.67 -36.75 -5.79
C TYR C 59 -19.07 -38.12 -5.47
N PRO C 60 -19.72 -38.89 -4.59
CA PRO C 60 -19.09 -40.11 -4.07
C PRO C 60 -19.15 -41.30 -5.01
N THR C 61 -19.88 -41.21 -6.12
CA THR C 61 -19.98 -42.33 -7.04
C THR C 61 -19.50 -41.93 -8.43
N PRO C 62 -18.83 -42.83 -9.15
CA PRO C 62 -18.36 -42.49 -10.51
C PRO C 62 -19.49 -42.34 -11.51
N LEU C 63 -19.70 -41.13 -11.99
CA LEU C 63 -20.74 -40.84 -12.96
C LEU C 63 -20.18 -41.01 -14.37
N GLU C 64 -20.97 -40.63 -15.37
CA GLU C 64 -20.55 -40.71 -16.76
C GLU C 64 -20.69 -39.37 -17.46
N ASP C 65 -21.31 -38.38 -16.80
CA ASP C 65 -21.61 -37.09 -17.39
C ASP C 65 -20.32 -36.29 -17.63
N ALA C 66 -20.43 -35.26 -18.46
CA ALA C 66 -19.26 -34.58 -19.01
C ALA C 66 -18.50 -33.76 -17.99
N PHE C 67 -19.14 -33.36 -16.89
CA PHE C 67 -18.39 -32.61 -15.87
C PHE C 67 -17.55 -33.55 -15.02
N TYR C 68 -17.98 -34.79 -14.84
CA TYR C 68 -17.25 -35.72 -13.98
C TYR C 68 -15.99 -36.22 -14.67
N THR C 69 -16.08 -36.55 -15.96
CA THR C 69 -14.93 -37.05 -16.68
C THR C 69 -13.92 -35.95 -16.98
N SER C 70 -14.36 -34.69 -16.96
CA SER C 70 -13.42 -33.58 -17.11
C SER C 70 -12.60 -33.39 -15.86
N LEU C 71 -13.23 -33.49 -14.69
CA LEU C 71 -12.53 -33.30 -13.43
C LEU C 71 -11.70 -34.51 -13.03
N SER C 72 -12.18 -35.72 -13.33
CA SER C 72 -11.39 -36.91 -13.04
C SER C 72 -10.14 -36.97 -13.89
N LEU C 73 -10.18 -36.42 -15.10
CA LEU C 73 -9.01 -36.30 -15.95
C LEU C 73 -8.16 -35.10 -15.55
N TRP C 74 -8.75 -34.12 -14.87
CA TRP C 74 -8.00 -32.98 -14.35
C TRP C 74 -7.12 -33.37 -13.18
N PHE C 75 -7.70 -34.02 -12.17
CA PHE C 75 -6.97 -34.25 -10.94
C PHE C 75 -5.95 -35.38 -11.03
N MET C 76 -6.03 -36.23 -12.06
CA MET C 76 -5.06 -37.31 -12.20
C MET C 76 -3.80 -36.87 -12.93
N HIS C 77 -3.66 -35.59 -13.25
CA HIS C 77 -2.45 -35.03 -13.84
C HIS C 77 -1.93 -33.88 -12.98
N GLY C 78 -1.94 -34.06 -11.68
CA GLY C 78 -1.73 -32.95 -10.76
C GLY C 78 -3.04 -32.19 -10.53
N GLY C 79 -3.06 -30.94 -10.97
CA GLY C 79 -4.28 -30.16 -10.89
C GLY C 79 -4.51 -29.56 -9.53
N GLY C 80 -4.77 -28.25 -9.48
CA GLY C 80 -4.97 -27.59 -8.22
C GLY C 80 -6.43 -27.28 -7.96
N LYS C 81 -6.70 -26.09 -7.44
CA LYS C 81 -8.09 -25.73 -7.21
C LYS C 81 -8.76 -25.38 -8.54
N CYS C 82 -10.06 -25.64 -8.60
CA CYS C 82 -10.83 -25.49 -9.82
C CYS C 82 -12.27 -25.29 -9.44
N TYR C 83 -13.05 -24.77 -10.39
CA TYR C 83 -14.40 -24.28 -10.13
C TYR C 83 -15.39 -24.99 -11.04
N LEU C 84 -16.47 -25.51 -10.46
CA LEU C 84 -17.64 -25.92 -11.23
C LEU C 84 -18.66 -24.79 -11.19
N VAL C 85 -18.87 -24.16 -12.34
CA VAL C 85 -19.85 -23.10 -12.50
C VAL C 85 -20.80 -23.52 -13.61
N ASN C 86 -22.11 -23.39 -13.37
CA ASN C 86 -23.06 -23.65 -14.44
C ASN C 86 -22.98 -22.56 -15.50
N GLU C 87 -23.40 -22.91 -16.72
CA GLU C 87 -23.15 -22.08 -17.91
C GLU C 87 -23.84 -20.71 -17.85
N ALA C 88 -24.86 -20.54 -17.02
CA ALA C 88 -25.53 -19.25 -16.90
C ALA C 88 -24.88 -18.32 -15.90
N ASN C 89 -23.74 -18.73 -15.30
CA ASN C 89 -23.10 -17.92 -14.28
C ASN C 89 -21.60 -17.81 -14.47
N ILE C 90 -21.06 -18.19 -15.64
CA ILE C 90 -19.61 -18.19 -15.78
C ILE C 90 -19.09 -16.78 -16.01
N ALA C 91 -19.92 -15.86 -16.50
CA ALA C 91 -19.52 -14.47 -16.62
C ALA C 91 -19.44 -13.78 -15.28
N ASP C 92 -20.18 -14.27 -14.29
CA ASP C 92 -20.11 -13.69 -12.95
C ASP C 92 -18.94 -14.25 -12.15
N ALA C 93 -18.65 -15.54 -12.30
CA ALA C 93 -17.64 -16.20 -11.48
C ALA C 93 -16.23 -15.73 -11.85
N VAL C 94 -16.02 -15.38 -13.12
CA VAL C 94 -14.74 -14.83 -13.51
C VAL C 94 -14.55 -13.43 -12.91
N ALA C 95 -15.61 -12.65 -12.85
CA ALA C 95 -15.54 -11.31 -12.31
C ALA C 95 -15.50 -11.26 -10.79
N GLN C 96 -15.80 -12.36 -10.11
CA GLN C 96 -15.84 -12.38 -8.65
C GLN C 96 -14.66 -13.05 -7.99
N TYR C 97 -14.11 -14.11 -8.58
CA TYR C 97 -13.18 -14.96 -7.84
C TYR C 97 -11.71 -14.70 -8.14
N ASP C 98 -11.38 -13.88 -9.14
CA ASP C 98 -10.09 -13.19 -9.29
C ASP C 98 -8.92 -14.12 -9.60
N ASP C 99 -9.16 -15.42 -9.62
CA ASP C 99 -8.11 -16.42 -9.65
C ASP C 99 -8.13 -17.22 -10.94
N ILE C 100 -9.18 -17.06 -11.75
CA ILE C 100 -9.44 -17.93 -12.88
C ILE C 100 -8.56 -17.51 -14.05
N THR C 101 -7.86 -18.47 -14.64
CA THR C 101 -7.06 -18.25 -15.84
C THR C 101 -7.60 -18.98 -17.05
N LEU C 102 -8.33 -20.09 -16.85
CA LEU C 102 -8.86 -20.89 -17.93
C LEU C 102 -10.38 -21.01 -17.80
N ILE C 103 -11.06 -20.96 -18.94
CA ILE C 103 -12.48 -21.31 -19.02
C ILE C 103 -12.57 -22.57 -19.87
N VAL C 104 -12.92 -23.68 -19.24
CA VAL C 104 -12.89 -24.98 -19.88
C VAL C 104 -14.35 -25.37 -20.13
N ALA C 105 -14.79 -25.29 -21.38
CA ALA C 105 -16.13 -25.70 -21.77
C ALA C 105 -16.17 -27.21 -21.78
N ALA C 106 -16.67 -27.79 -20.69
CA ALA C 106 -16.68 -29.24 -20.52
C ALA C 106 -17.95 -29.81 -21.15
N GLY C 107 -17.93 -29.90 -22.47
CA GLY C 107 -19.08 -30.42 -23.21
C GLY C 107 -20.22 -29.42 -23.25
N THR C 108 -19.91 -28.16 -23.55
CA THR C 108 -20.88 -27.08 -23.46
C THR C 108 -20.68 -26.13 -24.63
N ASP C 109 -21.77 -25.67 -25.23
CA ASP C 109 -21.68 -24.78 -26.38
C ASP C 109 -22.84 -23.81 -26.40
N THR C 110 -22.62 -22.67 -27.07
CA THR C 110 -23.57 -21.61 -27.45
C THR C 110 -24.12 -20.82 -26.26
N THR C 111 -23.73 -21.17 -25.04
CA THR C 111 -24.03 -20.40 -23.85
C THR C 111 -22.76 -19.99 -23.12
N THR C 112 -21.77 -20.90 -23.07
CA THR C 112 -20.41 -20.52 -22.69
C THR C 112 -19.82 -19.56 -23.70
N TYR C 113 -20.17 -19.72 -24.98
CA TYR C 113 -19.59 -18.89 -26.05
C TYR C 113 -20.02 -17.44 -25.92
N THR C 114 -21.30 -17.20 -25.66
CA THR C 114 -21.79 -15.84 -25.52
C THR C 114 -21.41 -15.21 -24.18
N ALA C 115 -21.01 -16.00 -23.20
CA ALA C 115 -20.47 -15.48 -21.95
C ALA C 115 -18.95 -15.45 -21.94
N PHE C 116 -18.30 -16.17 -22.86
CA PHE C 116 -16.87 -16.00 -23.08
C PHE C 116 -16.58 -14.61 -23.64
N THR C 117 -17.32 -14.20 -24.67
CA THR C 117 -17.09 -12.91 -25.30
C THR C 117 -17.51 -11.73 -24.42
N THR C 118 -18.26 -11.97 -23.35
CA THR C 118 -18.56 -10.91 -22.39
C THR C 118 -17.34 -10.56 -21.56
N VAL C 119 -16.71 -11.57 -20.94
CA VAL C 119 -15.58 -11.31 -20.06
C VAL C 119 -14.30 -10.96 -20.81
N VAL C 120 -14.24 -11.26 -22.11
CA VAL C 120 -13.09 -10.84 -22.90
C VAL C 120 -13.18 -9.35 -23.22
N GLY C 121 -14.36 -8.87 -23.62
CA GLY C 121 -14.54 -7.46 -23.85
C GLY C 121 -14.45 -6.62 -22.60
N GLN C 122 -14.72 -7.20 -21.44
CA GLN C 122 -14.46 -6.56 -20.17
C GLN C 122 -13.00 -6.63 -19.76
N GLY C 123 -12.25 -7.63 -20.26
CA GLY C 123 -10.82 -7.65 -20.08
C GLY C 123 -10.32 -8.39 -18.85
N TYR C 124 -10.70 -9.66 -18.71
CA TYR C 124 -10.38 -10.42 -17.51
C TYR C 124 -9.24 -11.41 -17.68
N ARG C 125 -8.50 -11.35 -18.79
CA ARG C 125 -7.21 -12.03 -18.98
C ARG C 125 -7.32 -13.55 -18.89
N ILE C 126 -8.38 -14.10 -19.48
CA ILE C 126 -8.63 -15.52 -19.43
C ILE C 126 -8.33 -16.14 -20.79
N PHE C 127 -8.33 -17.47 -20.84
CA PHE C 127 -8.13 -18.20 -22.08
C PHE C 127 -9.15 -19.33 -22.13
N GLY C 128 -9.92 -19.38 -23.21
CA GLY C 128 -10.99 -20.36 -23.32
C GLY C 128 -10.56 -21.62 -24.05
N LEU C 129 -11.14 -22.74 -23.63
CA LEU C 129 -10.86 -24.05 -24.21
C LEU C 129 -12.19 -24.65 -24.64
N PHE C 130 -12.48 -24.59 -25.93
CA PHE C 130 -13.80 -24.95 -26.45
C PHE C 130 -13.79 -26.42 -26.88
N ASP C 131 -14.79 -26.85 -27.64
CA ASP C 131 -14.91 -28.24 -28.04
C ASP C 131 -15.19 -28.34 -29.53
N GLY C 132 -14.76 -29.45 -30.12
CA GLY C 132 -15.16 -29.79 -31.46
C GLY C 132 -16.47 -30.55 -31.44
N PRO C 133 -17.00 -30.88 -32.61
CA PRO C 133 -18.24 -31.67 -32.67
C PRO C 133 -18.04 -33.08 -32.16
N LYS C 134 -19.10 -33.62 -31.56
CA LYS C 134 -19.02 -34.97 -31.02
C LYS C 134 -19.18 -36.02 -32.13
N GLU C 135 -19.83 -35.65 -33.22
CA GLU C 135 -19.93 -36.50 -34.40
C GLU C 135 -18.63 -36.41 -35.21
N LYS C 136 -18.44 -37.36 -36.10
CA LYS C 136 -17.23 -37.37 -36.91
C LYS C 136 -17.37 -36.38 -38.05
N ILE C 137 -16.34 -35.55 -38.22
CA ILE C 137 -16.25 -34.69 -39.39
C ILE C 137 -15.90 -35.54 -40.60
N ALA C 138 -16.63 -35.33 -41.70
CA ALA C 138 -16.59 -36.26 -42.83
C ALA C 138 -15.29 -36.16 -43.62
N GLY C 139 -14.90 -34.95 -44.02
CA GLY C 139 -13.79 -34.74 -44.93
C GLY C 139 -14.15 -33.96 -46.17
N THR C 140 -15.42 -33.96 -46.55
CA THR C 140 -15.97 -33.04 -47.54
C THR C 140 -16.71 -31.90 -46.84
N ALA C 141 -16.16 -31.45 -45.71
CA ALA C 141 -16.94 -30.74 -44.70
C ALA C 141 -17.11 -29.26 -44.96
N LYS C 142 -16.34 -28.67 -45.90
CA LYS C 142 -16.24 -27.23 -46.14
C LYS C 142 -15.85 -26.52 -44.84
N PRO C 143 -14.54 -26.48 -44.53
CA PRO C 143 -14.08 -26.16 -43.16
C PRO C 143 -14.51 -24.80 -42.59
N ASP C 144 -14.94 -23.85 -43.41
CA ASP C 144 -15.50 -22.62 -42.87
C ASP C 144 -16.90 -22.82 -42.30
N GLU C 145 -17.60 -23.88 -42.72
CA GLU C 145 -18.93 -24.13 -42.19
C GLU C 145 -18.89 -24.90 -40.88
N VAL C 146 -17.79 -25.61 -40.61
CA VAL C 146 -17.61 -26.29 -39.33
C VAL C 146 -17.26 -25.32 -38.22
N MET C 147 -16.54 -24.24 -38.54
CA MET C 147 -15.98 -23.33 -37.54
C MET C 147 -16.80 -22.05 -37.39
N GLU C 148 -18.10 -22.11 -37.66
CA GLU C 148 -18.91 -20.89 -37.68
C GLU C 148 -19.61 -20.61 -36.36
N GLU C 149 -19.65 -21.56 -35.43
CA GLU C 149 -20.26 -21.32 -34.14
C GLU C 149 -19.28 -20.75 -33.12
N TYR C 150 -18.02 -20.68 -33.46
CA TYR C 150 -16.97 -20.30 -32.53
C TYR C 150 -16.64 -18.81 -32.67
N PRO C 151 -16.15 -18.18 -31.60
CA PRO C 151 -15.73 -16.78 -31.69
C PRO C 151 -14.48 -16.58 -32.56
N THR C 152 -14.14 -15.32 -32.81
CA THR C 152 -12.96 -14.98 -33.60
C THR C 152 -11.92 -14.31 -32.72
N SER C 153 -12.10 -14.40 -31.41
CA SER C 153 -11.21 -13.78 -30.44
C SER C 153 -9.89 -14.54 -30.36
N PRO C 154 -8.79 -13.87 -30.04
CA PRO C 154 -7.52 -14.57 -29.85
C PRO C 154 -7.35 -15.26 -28.50
N PHE C 155 -8.43 -15.44 -27.74
CA PHE C 155 -8.37 -15.99 -26.40
C PHE C 155 -8.93 -17.40 -26.31
N GLY C 156 -9.05 -18.10 -27.43
CA GLY C 156 -9.68 -19.40 -27.43
C GLY C 156 -9.06 -20.34 -28.44
N ALA C 157 -9.30 -21.63 -28.21
CA ALA C 157 -8.94 -22.70 -29.13
C ALA C 157 -9.97 -23.81 -28.97
N VAL C 158 -10.03 -24.70 -29.96
CA VAL C 158 -11.20 -25.56 -30.14
C VAL C 158 -10.95 -27.00 -29.73
N PHE C 159 -9.83 -27.62 -30.16
CA PHE C 159 -9.43 -28.98 -29.75
C PHE C 159 -10.46 -30.04 -30.09
N TYR C 160 -10.57 -30.45 -31.37
CA TYR C 160 -11.70 -31.26 -31.84
C TYR C 160 -11.88 -32.63 -31.17
N PRO C 161 -10.97 -33.62 -31.31
CA PRO C 161 -11.39 -35.01 -31.10
C PRO C 161 -11.68 -35.40 -29.66
N TRP C 162 -12.88 -35.93 -29.46
CA TRP C 162 -13.37 -36.30 -28.14
C TRP C 162 -12.64 -37.52 -27.59
N GLY C 163 -12.68 -37.67 -26.27
CA GLY C 163 -12.00 -38.78 -25.63
C GLY C 163 -12.91 -39.95 -25.32
N THR C 164 -12.29 -41.09 -25.07
CA THR C 164 -12.99 -42.33 -24.76
C THR C 164 -12.34 -43.05 -23.58
N LEU C 165 -12.28 -42.35 -22.43
CA LEU C 165 -11.62 -42.73 -21.18
C LEU C 165 -11.82 -44.19 -20.80
N ALA C 166 -10.79 -44.76 -20.14
CA ALA C 166 -10.63 -46.21 -19.99
C ALA C 166 -11.75 -46.89 -19.21
N SER C 167 -12.57 -46.14 -18.48
CA SER C 167 -13.78 -46.68 -17.89
C SER C 167 -14.97 -46.69 -18.85
N GLY C 168 -14.73 -46.37 -20.12
CA GLY C 168 -15.77 -46.36 -21.12
C GLY C 168 -16.41 -45.01 -21.38
N ALA C 169 -16.26 -44.07 -20.45
CA ALA C 169 -16.95 -42.79 -20.55
C ALA C 169 -16.23 -41.86 -21.53
N ALA C 170 -16.90 -40.76 -21.87
CA ALA C 170 -16.43 -39.82 -22.89
C ALA C 170 -15.92 -38.55 -22.22
N VAL C 171 -14.63 -38.28 -22.37
CA VAL C 171 -14.05 -37.04 -21.84
C VAL C 171 -14.22 -35.95 -22.89
N PRO C 172 -14.71 -34.76 -22.51
CA PRO C 172 -14.71 -33.63 -23.42
C PRO C 172 -13.29 -33.22 -23.77
N PRO C 173 -13.03 -32.87 -25.03
CA PRO C 173 -11.65 -32.62 -25.46
C PRO C 173 -11.07 -31.31 -24.97
N SER C 174 -11.88 -30.46 -24.35
CA SER C 174 -11.34 -29.32 -23.63
C SER C 174 -10.54 -29.76 -22.40
N ALA C 175 -11.00 -30.83 -21.74
CA ALA C 175 -10.32 -31.33 -20.57
C ALA C 175 -9.03 -32.05 -20.91
N ILE C 176 -8.96 -32.61 -22.11
CA ILE C 176 -7.69 -33.20 -22.58
C ILE C 176 -6.68 -32.09 -22.81
N ALA C 177 -7.13 -30.95 -23.36
CA ALA C 177 -6.25 -29.82 -23.53
C ALA C 177 -5.92 -29.15 -22.21
N ALA C 178 -6.85 -29.14 -21.26
CA ALA C 178 -6.61 -28.50 -19.97
C ALA C 178 -5.66 -29.29 -19.10
N ALA C 179 -5.54 -30.59 -19.31
CA ALA C 179 -4.60 -31.41 -18.54
C ALA C 179 -3.20 -31.41 -19.14
N SER C 180 -3.05 -31.11 -20.42
CA SER C 180 -1.73 -30.90 -20.98
C SER C 180 -1.19 -29.51 -20.68
N ILE C 181 -2.08 -28.55 -20.37
CA ILE C 181 -1.63 -27.22 -19.96
C ILE C 181 -1.02 -27.27 -18.56
N THR C 182 -1.57 -28.11 -17.69
CA THR C 182 -1.07 -28.23 -16.32
C THR C 182 0.34 -28.78 -16.28
N GLN C 183 0.59 -29.86 -17.02
CA GLN C 183 1.90 -30.48 -17.04
C GLN C 183 2.91 -29.65 -17.82
N THR C 184 2.46 -28.79 -18.73
CA THR C 184 3.38 -27.92 -19.45
C THR C 184 3.78 -26.73 -18.59
N ASP C 185 2.83 -26.12 -17.87
CA ASP C 185 3.13 -24.93 -17.09
C ASP C 185 4.00 -25.23 -15.89
N ARG C 186 3.95 -26.44 -15.36
CA ARG C 186 4.78 -26.79 -14.23
C ARG C 186 6.22 -27.04 -14.63
N THR C 187 6.43 -27.89 -15.64
CA THR C 187 7.78 -28.31 -15.98
C THR C 187 8.45 -27.35 -16.95
N ARG C 188 7.76 -26.96 -18.01
CA ARG C 188 8.36 -26.15 -19.06
C ARG C 188 8.02 -24.68 -18.98
N GLY C 189 6.87 -24.32 -18.41
CA GLY C 189 6.47 -22.94 -18.28
C GLY C 189 5.29 -22.60 -19.18
N VAL C 190 4.77 -21.39 -18.96
CA VAL C 190 3.60 -20.94 -19.71
C VAL C 190 3.97 -20.52 -21.13
N TRP C 191 5.24 -20.22 -21.39
CA TRP C 191 5.70 -19.80 -22.70
C TRP C 191 6.02 -20.96 -23.63
N LYS C 192 5.83 -22.20 -23.19
CA LYS C 192 6.08 -23.37 -24.01
C LYS C 192 4.73 -23.96 -24.43
N ALA C 193 4.71 -24.55 -25.61
CA ALA C 193 3.45 -25.02 -26.19
C ALA C 193 2.94 -26.26 -25.48
N PRO C 194 1.63 -26.37 -25.23
CA PRO C 194 1.08 -27.55 -24.58
C PRO C 194 0.96 -28.77 -25.48
N ALA C 195 1.61 -28.81 -26.65
CA ALA C 195 1.34 -29.82 -27.66
C ALA C 195 1.92 -31.19 -27.31
N ASN C 196 3.25 -31.32 -27.29
CA ASN C 196 3.86 -32.64 -27.18
C ASN C 196 3.85 -33.22 -25.76
N GLN C 197 3.05 -32.68 -24.85
CA GLN C 197 2.88 -33.28 -23.54
C GLN C 197 1.90 -34.43 -23.64
N ALA C 198 2.26 -35.57 -23.08
CA ALA C 198 1.46 -36.79 -23.17
C ALA C 198 0.47 -36.82 -22.00
N VAL C 199 -0.82 -36.75 -22.31
CA VAL C 199 -1.86 -36.94 -21.32
C VAL C 199 -2.15 -38.43 -21.23
N ASN C 200 -2.38 -38.93 -20.02
CA ASN C 200 -2.45 -40.35 -19.74
C ASN C 200 -3.87 -40.76 -19.36
N GLY C 201 -4.18 -42.02 -19.61
CA GLY C 201 -5.46 -42.58 -19.23
C GLY C 201 -6.59 -42.32 -20.18
N VAL C 202 -6.36 -41.56 -21.26
CA VAL C 202 -7.41 -41.23 -22.21
C VAL C 202 -6.87 -41.53 -23.60
N THR C 203 -7.77 -41.91 -24.50
CA THR C 203 -7.45 -42.15 -25.91
C THR C 203 -8.45 -41.36 -26.75
N PRO C 204 -8.05 -40.92 -27.94
CA PRO C 204 -9.03 -40.25 -28.81
C PRO C 204 -10.05 -41.21 -29.35
N ALA C 205 -11.27 -40.70 -29.55
CA ALA C 205 -12.35 -41.54 -30.07
C ALA C 205 -12.13 -41.87 -31.53
N PHE C 206 -11.51 -40.96 -32.28
CA PHE C 206 -11.31 -41.10 -33.71
C PHE C 206 -9.82 -41.05 -34.03
N ALA C 207 -9.46 -41.56 -35.19
CA ALA C 207 -8.09 -41.48 -35.69
C ALA C 207 -8.05 -40.40 -36.77
N VAL C 208 -7.10 -39.48 -36.63
CA VAL C 208 -6.99 -38.33 -37.52
C VAL C 208 -5.68 -38.43 -38.29
N SER C 209 -5.75 -38.29 -39.60
CA SER C 209 -4.57 -38.31 -40.45
C SER C 209 -3.99 -36.89 -40.58
N ASP C 210 -2.83 -36.80 -41.23
CA ASP C 210 -2.21 -35.50 -41.48
C ASP C 210 -2.97 -34.70 -42.51
N ASP C 211 -3.54 -35.36 -43.53
CA ASP C 211 -4.21 -34.64 -44.60
C ASP C 211 -5.56 -34.07 -44.16
N PHE C 212 -6.12 -34.60 -43.08
CA PHE C 212 -7.34 -34.01 -42.52
C PHE C 212 -7.04 -32.74 -41.75
N GLN C 213 -5.98 -32.74 -40.95
CA GLN C 213 -5.62 -31.57 -40.16
C GLN C 213 -5.09 -30.43 -41.01
N GLY C 214 -4.55 -30.72 -42.20
CA GLY C 214 -4.02 -29.70 -43.08
C GLY C 214 -5.05 -28.72 -43.61
N LYS C 215 -6.32 -29.11 -43.66
CA LYS C 215 -7.37 -28.18 -44.04
C LYS C 215 -7.74 -27.25 -42.90
N TYR C 216 -7.54 -27.68 -41.66
CA TYR C 216 -8.01 -26.94 -40.51
C TYR C 216 -6.92 -26.18 -39.78
N ASN C 217 -5.66 -26.30 -40.19
CA ASN C 217 -4.59 -25.65 -39.46
C ASN C 217 -4.54 -24.15 -39.75
N GLN C 218 -5.20 -23.67 -40.79
CA GLN C 218 -5.30 -22.26 -41.10
C GLN C 218 -6.61 -21.71 -40.56
N GLY C 219 -6.66 -20.40 -40.40
CA GLY C 219 -7.92 -19.76 -40.06
C GLY C 219 -8.25 -19.92 -38.59
N LYS C 220 -9.19 -20.81 -38.28
CA LYS C 220 -9.72 -20.86 -36.92
C LYS C 220 -9.30 -22.14 -36.18
N ALA C 221 -8.41 -22.95 -36.79
CA ALA C 221 -7.49 -23.80 -36.05
C ALA C 221 -8.08 -24.86 -35.11
N LEU C 222 -8.64 -25.95 -35.65
CA LEU C 222 -9.22 -27.01 -34.82
C LEU C 222 -8.31 -27.65 -33.77
N ASN C 223 -6.99 -27.68 -33.96
CA ASN C 223 -6.02 -28.15 -32.95
C ASN C 223 -6.27 -29.61 -32.53
N MET C 224 -6.03 -30.53 -33.45
CA MET C 224 -6.20 -31.98 -33.29
C MET C 224 -5.60 -32.61 -32.03
N ILE C 225 -6.21 -33.72 -31.60
CA ILE C 225 -5.70 -34.55 -30.51
C ILE C 225 -5.42 -35.91 -31.12
N ARG C 226 -4.14 -36.26 -31.24
CA ARG C 226 -3.72 -37.43 -31.99
C ARG C 226 -2.88 -38.33 -31.11
N THR C 227 -2.78 -39.60 -31.49
CA THR C 227 -1.94 -40.56 -30.79
C THR C 227 -0.76 -40.93 -31.66
N PHE C 228 0.40 -41.12 -31.02
CA PHE C 228 1.63 -41.46 -31.70
C PHE C 228 2.30 -42.62 -30.95
N SER C 229 2.89 -43.54 -31.70
CA SER C 229 3.72 -44.58 -31.09
C SER C 229 5.01 -43.94 -30.60
N GLY C 230 5.19 -43.90 -29.29
CA GLY C 230 6.20 -43.05 -28.69
C GLY C 230 5.57 -42.08 -27.72
N GLN C 231 5.51 -40.80 -28.09
CA GLN C 231 4.73 -39.83 -27.32
C GLN C 231 3.26 -40.15 -27.52
N GLY C 232 2.68 -40.88 -26.57
CA GLY C 232 1.33 -41.39 -26.76
C GLY C 232 0.29 -40.36 -26.41
N THR C 233 -0.71 -40.22 -27.29
CA THR C 233 -1.93 -39.39 -27.18
C THR C 233 -1.67 -37.97 -26.63
N VAL C 234 -0.98 -37.18 -27.46
CA VAL C 234 -0.72 -35.78 -27.17
C VAL C 234 -1.75 -34.92 -27.90
N VAL C 235 -1.85 -33.65 -27.57
CA VAL C 235 -2.59 -32.74 -28.43
C VAL C 235 -1.64 -32.23 -29.51
N TRP C 236 -2.17 -31.97 -30.69
CA TRP C 236 -1.32 -31.73 -31.86
C TRP C 236 -1.79 -30.45 -32.54
N GLY C 237 -1.14 -29.35 -32.22
CA GLY C 237 -1.54 -28.04 -32.72
C GLY C 237 -1.53 -27.07 -31.55
N ALA C 238 -1.13 -25.83 -31.84
CA ALA C 238 -1.01 -24.84 -30.78
C ALA C 238 -1.51 -23.47 -31.19
N ARG C 239 -2.47 -23.37 -32.09
CA ARG C 239 -2.95 -22.11 -32.62
C ARG C 239 -4.26 -21.68 -31.96
N THR C 240 -4.55 -20.38 -32.06
CA THR C 240 -5.75 -19.78 -31.51
C THR C 240 -6.78 -19.56 -32.62
N LEU C 241 -7.89 -18.93 -32.25
CA LEU C 241 -8.96 -18.64 -33.19
C LEU C 241 -8.69 -17.43 -34.08
N GLU C 242 -7.65 -16.66 -33.81
CA GLU C 242 -7.24 -15.55 -34.67
C GLU C 242 -5.91 -15.87 -35.33
N ASP C 243 -5.90 -15.88 -36.65
CA ASP C 243 -4.69 -16.15 -37.41
C ASP C 243 -4.06 -14.83 -37.86
N SER C 244 -3.41 -14.17 -36.91
CA SER C 244 -2.67 -12.95 -37.17
C SER C 244 -1.21 -13.18 -36.84
N ASP C 245 -0.35 -12.24 -37.25
CA ASP C 245 1.07 -12.34 -36.92
C ASP C 245 1.34 -12.08 -35.45
N ASN C 246 0.43 -11.42 -34.74
CA ASN C 246 0.59 -11.18 -33.32
C ASN C 246 0.02 -12.32 -32.48
N TRP C 247 -1.24 -12.68 -32.71
CA TRP C 247 -1.98 -13.49 -31.76
C TRP C 247 -2.41 -14.83 -32.36
N ARG C 248 -1.54 -15.40 -33.18
CA ARG C 248 -1.47 -16.83 -33.42
C ARG C 248 -0.80 -17.45 -32.20
N TYR C 249 -0.70 -18.79 -32.15
CA TYR C 249 0.16 -19.49 -31.20
C TYR C 249 -0.17 -19.30 -29.72
N ILE C 250 -1.09 -20.12 -29.19
CA ILE C 250 -1.46 -20.28 -27.77
C ILE C 250 -0.33 -20.03 -26.77
N PRO C 251 0.99 -20.49 -26.99
CA PRO C 251 2.09 -19.97 -26.16
C PRO C 251 2.17 -18.46 -26.00
N VAL C 252 2.23 -17.71 -27.11
CA VAL C 252 2.47 -16.27 -26.98
C VAL C 252 1.24 -15.50 -26.56
N ARG C 253 0.06 -16.13 -26.54
CA ARG C 253 -1.07 -15.45 -25.91
C ARG C 253 -1.09 -15.69 -24.41
N ARG C 254 -0.93 -16.94 -23.98
CA ARG C 254 -0.85 -17.26 -22.56
C ARG C 254 0.40 -16.72 -21.89
N LEU C 255 1.45 -16.41 -22.66
CA LEU C 255 2.60 -15.75 -22.08
C LEU C 255 2.27 -14.34 -21.64
N PHE C 256 1.55 -13.58 -22.47
CA PHE C 256 1.26 -12.20 -22.08
C PHE C 256 0.20 -12.15 -20.99
N ASN C 257 -0.74 -13.10 -20.99
CA ASN C 257 -1.74 -13.14 -19.92
C ASN C 257 -1.10 -13.46 -18.58
N ALA C 258 -0.02 -14.24 -18.57
CA ALA C 258 0.70 -14.47 -17.33
C ALA C 258 1.49 -13.22 -16.92
N VAL C 259 2.00 -12.47 -17.89
CA VAL C 259 2.74 -11.25 -17.59
C VAL C 259 1.79 -10.15 -17.13
N GLU C 260 0.64 -10.02 -17.79
CA GLU C 260 -0.31 -8.96 -17.46
C GLU C 260 -0.97 -9.19 -16.12
N ARG C 261 -1.14 -10.44 -15.70
CA ARG C 261 -1.71 -10.69 -14.39
C ARG C 261 -0.68 -10.54 -13.29
N ASP C 262 0.56 -10.98 -13.53
CA ASP C 262 1.57 -10.91 -12.47
C ASP C 262 2.13 -9.51 -12.28
N ILE C 263 2.08 -8.66 -13.30
CA ILE C 263 2.47 -7.27 -13.10
C ILE C 263 1.40 -6.52 -12.33
N GLN C 264 0.12 -6.75 -12.66
CA GLN C 264 -0.93 -6.05 -11.92
C GLN C 264 -1.13 -6.61 -10.52
N LYS C 265 -0.69 -7.83 -10.25
CA LYS C 265 -0.66 -8.30 -8.86
C LYS C 265 0.43 -7.59 -8.07
N SER C 266 1.51 -7.18 -8.74
CA SER C 266 2.60 -6.50 -8.06
C SER C 266 2.34 -5.00 -7.94
N LEU C 267 1.59 -4.42 -8.87
CA LEU C 267 1.33 -2.99 -8.85
C LEU C 267 0.03 -2.64 -8.12
N ASN C 268 -0.73 -3.61 -7.63
CA ASN C 268 -1.87 -3.28 -6.78
C ASN C 268 -1.43 -2.82 -5.40
N LYS C 269 -0.21 -3.14 -4.98
CA LYS C 269 0.32 -2.63 -3.73
C LYS C 269 0.87 -1.22 -3.86
N LEU C 270 0.92 -0.67 -5.07
CA LEU C 270 1.33 0.71 -5.29
C LEU C 270 0.18 1.61 -5.69
N VAL C 271 -1.05 1.12 -5.59
CA VAL C 271 -2.22 1.95 -5.82
C VAL C 271 -2.46 2.77 -4.55
N PHE C 272 -2.97 4.00 -4.74
CA PHE C 272 -3.23 5.04 -3.73
C PHE C 272 -1.95 5.60 -3.14
N GLU C 273 -0.81 5.35 -3.78
CA GLU C 273 0.40 6.10 -3.51
C GLU C 273 0.28 7.48 -4.15
N PRO C 274 1.04 8.47 -3.69
CA PRO C 274 0.97 9.79 -4.33
C PRO C 274 1.47 9.75 -5.77
N ASN C 275 0.68 10.35 -6.67
CA ASN C 275 0.97 10.33 -8.10
C ASN C 275 2.09 11.31 -8.39
N SER C 276 3.32 10.88 -8.10
CA SER C 276 4.48 11.73 -8.23
C SER C 276 5.60 10.94 -8.88
N GLN C 277 6.62 11.66 -9.29
CA GLN C 277 7.81 11.15 -9.94
C GLN C 277 8.63 10.15 -9.12
N PRO C 278 8.70 10.22 -7.77
CA PRO C 278 9.29 9.08 -7.04
C PRO C 278 8.47 7.81 -7.11
N THR C 279 7.15 7.91 -7.25
CA THR C 279 6.34 6.70 -7.37
C THR C 279 6.49 6.06 -8.74
N TRP C 280 6.64 6.88 -9.78
CA TRP C 280 6.79 6.37 -11.15
C TRP C 280 8.11 5.63 -11.31
N GLN C 281 9.15 6.07 -10.59
CA GLN C 281 10.41 5.34 -10.57
C GLN C 281 10.27 4.03 -9.82
N ARG C 282 9.41 3.99 -8.81
CA ARG C 282 9.24 2.76 -8.04
C ARG C 282 8.32 1.78 -8.77
N VAL C 283 7.49 2.29 -9.68
CA VAL C 283 6.67 1.40 -10.51
C VAL C 283 7.52 0.75 -11.59
N LYS C 284 8.30 1.53 -12.34
CA LYS C 284 9.02 0.98 -13.47
C LYS C 284 10.23 0.15 -13.06
N ALA C 285 10.64 0.20 -11.80
CA ALA C 285 11.67 -0.70 -11.31
C ALA C 285 11.09 -1.97 -10.71
N ALA C 286 9.82 -1.95 -10.33
CA ALA C 286 9.13 -3.17 -9.95
C ALA C 286 8.77 -4.01 -11.16
N VAL C 287 8.72 -3.41 -12.35
CA VAL C 287 8.45 -4.15 -13.57
C VAL C 287 9.75 -4.66 -14.20
N ASP C 288 10.81 -3.84 -14.19
CA ASP C 288 12.10 -4.27 -14.69
C ASP C 288 12.70 -5.39 -13.85
N SER C 289 12.40 -5.43 -12.55
CA SER C 289 12.84 -6.55 -11.74
C SER C 289 12.07 -7.82 -12.06
N TYR C 290 10.78 -7.68 -12.41
CA TYR C 290 10.01 -8.84 -12.80
C TYR C 290 10.41 -9.35 -14.17
N LEU C 291 10.57 -8.44 -15.13
CA LEU C 291 10.87 -8.85 -16.50
C LEU C 291 12.31 -9.30 -16.68
N HIS C 292 13.22 -8.95 -15.77
CA HIS C 292 14.58 -9.46 -15.89
C HIS C 292 14.67 -10.89 -15.42
N SER C 293 13.97 -11.23 -14.34
CA SER C 293 13.96 -12.61 -13.86
C SER C 293 13.17 -13.51 -14.80
N LEU C 294 12.20 -12.94 -15.51
CA LEU C 294 11.47 -13.68 -16.52
C LEU C 294 12.31 -13.87 -17.79
N TRP C 295 13.16 -12.90 -18.13
CA TRP C 295 14.01 -13.02 -19.30
C TRP C 295 15.11 -14.05 -19.09
N GLN C 296 15.68 -14.10 -17.89
CA GLN C 296 16.81 -14.99 -17.65
C GLN C 296 16.38 -16.44 -17.43
N GLN C 297 15.08 -16.72 -17.34
CA GLN C 297 14.60 -18.09 -17.35
C GLN C 297 14.02 -18.49 -18.70
N GLY C 298 14.39 -17.78 -19.77
CA GLY C 298 14.14 -18.22 -21.11
C GLY C 298 12.82 -17.83 -21.72
N ALA C 299 12.01 -17.02 -21.04
CA ALA C 299 10.68 -16.71 -21.53
C ALA C 299 10.67 -15.66 -22.63
N LEU C 300 11.61 -14.72 -22.61
CA LEU C 300 11.60 -13.63 -23.57
C LEU C 300 12.63 -13.86 -24.66
N ALA C 301 12.39 -13.24 -25.81
CA ALA C 301 13.17 -13.48 -27.03
C ALA C 301 14.12 -12.32 -27.27
N GLY C 302 15.35 -12.47 -26.79
CA GLY C 302 16.41 -11.53 -27.10
C GLY C 302 17.63 -11.80 -26.26
N ASN C 303 18.81 -11.81 -26.87
CA ASN C 303 20.03 -12.08 -26.13
C ASN C 303 20.73 -10.80 -25.65
N THR C 304 19.93 -9.90 -25.06
CA THR C 304 20.28 -8.66 -24.40
C THR C 304 18.98 -8.11 -23.79
N PRO C 305 19.06 -7.36 -22.69
CA PRO C 305 17.82 -6.76 -22.15
C PRO C 305 17.24 -5.66 -23.00
N ALA C 306 18.00 -5.09 -23.94
CA ALA C 306 17.47 -4.04 -24.78
C ALA C 306 16.55 -4.59 -25.86
N ASP C 307 16.80 -5.81 -26.34
CA ASP C 307 15.95 -6.43 -27.34
C ASP C 307 14.86 -7.30 -26.73
N ALA C 308 14.84 -7.47 -25.41
CA ALA C 308 13.88 -8.36 -24.77
C ALA C 308 12.68 -7.62 -24.20
N TRP C 309 12.89 -6.50 -23.51
CA TRP C 309 11.78 -5.70 -23.02
C TRP C 309 12.19 -4.24 -22.94
N PHE C 310 11.20 -3.36 -22.89
CA PHE C 310 11.40 -1.98 -22.48
C PHE C 310 10.24 -1.54 -21.61
N VAL C 311 10.54 -0.71 -20.63
CA VAL C 311 9.54 -0.09 -19.76
C VAL C 311 9.84 1.40 -19.73
N GLN C 312 8.81 2.23 -19.93
CA GLN C 312 9.01 3.67 -19.88
C GLN C 312 7.78 4.39 -19.34
N VAL C 313 8.05 5.44 -18.57
CA VAL C 313 7.03 6.27 -17.94
C VAL C 313 7.63 7.65 -17.69
N GLY C 314 6.88 8.71 -17.98
CA GLY C 314 7.40 10.04 -17.81
C GLY C 314 6.29 11.07 -17.70
N LYS C 315 6.70 12.31 -17.50
CA LYS C 315 5.73 13.39 -17.33
C LYS C 315 5.30 13.95 -18.68
N ASP C 316 6.09 13.75 -19.73
CA ASP C 316 5.64 13.99 -21.08
C ASP C 316 6.14 12.89 -22.02
N LEU C 317 6.21 11.68 -21.51
CA LEU C 317 6.52 10.49 -22.30
C LEU C 317 5.27 9.68 -22.59
N THR C 318 4.57 9.24 -21.54
CA THR C 318 3.42 8.37 -21.68
C THR C 318 2.13 9.01 -21.24
N MET C 319 2.19 10.12 -20.52
CA MET C 319 1.02 10.78 -19.97
C MET C 319 1.30 12.26 -19.84
N THR C 320 0.23 13.05 -19.81
CA THR C 320 0.33 14.51 -19.74
C THR C 320 -0.19 14.99 -18.40
N GLN C 321 -0.04 16.30 -18.17
CA GLN C 321 -0.40 16.90 -16.89
C GLN C 321 -1.91 16.88 -16.67
N GLU C 322 -2.69 16.95 -17.76
CA GLU C 322 -4.13 16.79 -17.67
C GLU C 322 -4.53 15.40 -17.18
N GLU C 323 -3.71 14.39 -17.47
CA GLU C 323 -3.92 13.02 -17.02
C GLU C 323 -3.32 12.74 -15.66
N ILE C 324 -2.34 13.52 -15.20
CA ILE C 324 -1.85 13.38 -13.83
C ILE C 324 -2.92 13.84 -12.85
N ASN C 325 -3.60 14.94 -13.19
CA ASN C 325 -4.60 15.53 -12.30
C ASN C 325 -5.87 14.67 -12.20
N GLN C 326 -6.09 13.75 -13.13
CA GLN C 326 -7.19 12.82 -13.03
C GLN C 326 -6.87 11.60 -12.18
N GLY C 327 -5.63 11.46 -11.73
CA GLY C 327 -5.21 10.31 -10.96
C GLY C 327 -4.61 9.19 -11.76
N LYS C 328 -4.34 9.39 -13.05
CA LYS C 328 -3.88 8.33 -13.92
C LYS C 328 -2.37 8.25 -13.93
N MET C 329 -1.87 7.01 -13.97
CA MET C 329 -0.44 6.73 -14.09
C MET C 329 -0.29 5.80 -15.28
N ILE C 330 0.26 6.30 -16.39
CA ILE C 330 0.31 5.55 -17.62
C ILE C 330 1.73 5.03 -17.81
N ILE C 331 1.86 3.71 -17.80
CA ILE C 331 3.08 3.03 -18.17
C ILE C 331 2.89 2.56 -19.61
N LYS C 332 3.98 2.23 -20.30
CA LYS C 332 3.84 1.39 -21.48
C LYS C 332 5.03 0.44 -21.56
N ILE C 333 4.71 -0.83 -21.77
CA ILE C 333 5.66 -1.93 -21.66
C ILE C 333 5.59 -2.71 -22.96
N GLY C 334 6.74 -3.00 -23.54
CA GLY C 334 6.80 -3.86 -24.71
C GLY C 334 7.79 -4.98 -24.49
N LEU C 335 7.43 -6.17 -24.94
CA LEU C 335 8.26 -7.34 -24.68
C LEU C 335 8.01 -8.39 -25.76
N ALA C 336 9.07 -9.13 -26.09
CA ALA C 336 9.07 -10.04 -27.23
C ALA C 336 9.03 -11.48 -26.77
N ALA C 337 8.21 -12.30 -27.44
CA ALA C 337 8.01 -13.69 -27.08
C ALA C 337 8.68 -14.62 -28.09
N VAL C 338 8.82 -15.88 -27.70
CA VAL C 338 9.46 -16.91 -28.52
C VAL C 338 8.37 -17.69 -29.24
N ARG C 339 8.49 -17.80 -30.56
CA ARG C 339 7.53 -18.57 -31.33
C ARG C 339 8.02 -20.01 -31.51
N PRO C 340 7.12 -21.00 -31.49
CA PRO C 340 7.55 -22.39 -31.61
C PRO C 340 7.87 -22.77 -33.05
N ALA C 341 8.56 -23.90 -33.18
CA ALA C 341 8.87 -24.50 -34.47
C ALA C 341 7.75 -25.48 -34.81
N GLU C 342 6.96 -25.15 -35.83
CA GLU C 342 5.77 -25.91 -36.14
C GLU C 342 5.95 -26.85 -37.32
N PHE C 343 6.88 -26.56 -38.22
CA PHE C 343 7.08 -27.36 -39.42
C PHE C 343 8.55 -27.74 -39.53
N ILE C 344 8.81 -29.03 -39.68
CA ILE C 344 10.17 -29.55 -39.85
C ILE C 344 10.24 -30.20 -41.22
N ILE C 345 10.96 -29.59 -42.14
CA ILE C 345 11.07 -30.07 -43.51
C ILE C 345 12.39 -30.82 -43.66
N LEU C 346 12.31 -32.10 -43.99
CA LEU C 346 13.48 -32.91 -44.32
C LEU C 346 13.64 -32.97 -45.83
N GLN C 347 14.85 -32.75 -46.31
CA GLN C 347 15.14 -32.79 -47.74
C GLN C 347 16.24 -33.82 -47.98
N PHE C 348 15.84 -34.99 -48.43
CA PHE C 348 16.77 -36.10 -48.66
C PHE C 348 17.29 -36.09 -50.08
N SER C 349 18.49 -36.63 -50.25
CA SER C 349 19.12 -36.73 -51.55
C SER C 349 20.12 -37.87 -51.52
N GLN C 350 20.53 -38.31 -52.70
CA GLN C 350 21.45 -39.42 -52.85
C GLN C 350 22.78 -38.92 -53.40
N ASP C 351 23.10 -37.67 -53.09
CA ASP C 351 24.33 -37.01 -53.52
C ASP C 351 25.16 -36.62 -52.31
N ILE C 352 26.46 -36.88 -52.37
CA ILE C 352 27.36 -36.50 -51.29
C ILE C 352 28.39 -35.50 -51.79
N VAL D 4 -8.10 -13.75 45.25
CA VAL D 4 -8.02 -14.83 46.22
C VAL D 4 -6.58 -15.21 46.48
N THR D 5 -5.66 -14.39 45.99
CA THR D 5 -4.24 -14.62 46.20
C THR D 5 -3.86 -14.24 47.62
N SER D 6 -3.40 -15.22 48.40
CA SER D 6 -2.90 -14.97 49.74
C SER D 6 -1.52 -15.54 50.01
N VAL D 7 -1.16 -16.67 49.42
CA VAL D 7 0.16 -17.27 49.58
C VAL D 7 1.10 -16.48 48.68
N PRO D 8 2.31 -16.13 49.14
CA PRO D 8 3.17 -15.30 48.31
C PRO D 8 3.94 -16.03 47.21
N GLY D 9 3.49 -17.21 46.81
CA GLY D 9 4.16 -17.92 45.74
C GLY D 9 3.78 -17.51 44.34
N VAL D 10 3.63 -18.50 43.45
CA VAL D 10 3.25 -18.29 42.05
C VAL D 10 1.99 -19.10 41.77
N TYR D 11 1.00 -18.45 41.19
CA TYR D 11 -0.30 -19.07 40.93
C TYR D 11 -0.43 -19.47 39.47
N ILE D 12 -1.28 -20.46 39.22
CA ILE D 12 -1.44 -21.06 37.89
C ILE D 12 -2.93 -21.15 37.57
N GLU D 13 -3.33 -20.56 36.44
CA GLU D 13 -4.66 -20.75 35.86
C GLU D 13 -4.48 -21.34 34.46
N GLU D 14 -5.52 -21.99 33.95
CA GLU D 14 -5.34 -22.84 32.76
C GLU D 14 -6.31 -22.59 31.62
N ASP D 15 -7.32 -21.75 31.77
CA ASP D 15 -8.25 -21.52 30.66
C ASP D 15 -8.43 -20.03 30.43
N ALA D 16 -7.31 -19.31 30.35
CA ALA D 16 -7.33 -17.89 30.07
C ALA D 16 -7.50 -17.64 28.58
N SER D 17 -7.88 -16.44 28.25
CA SER D 17 -7.95 -15.96 26.87
C SER D 17 -6.72 -15.11 26.56
N PRO D 18 -6.25 -15.09 25.32
CA PRO D 18 -5.07 -14.26 25.00
C PRO D 18 -5.42 -12.78 25.02
N ALA D 19 -4.52 -11.99 25.60
CA ALA D 19 -4.68 -10.55 25.71
C ALA D 19 -4.47 -9.89 24.37
N MET D 20 -4.87 -8.62 24.29
CA MET D 20 -4.85 -7.86 23.05
C MET D 20 -4.07 -6.58 23.25
N SER D 21 -3.26 -6.25 22.26
CA SER D 21 -2.42 -5.06 22.30
C SER D 21 -3.20 -3.86 21.80
N VAL D 22 -2.78 -2.68 22.26
CA VAL D 22 -3.40 -1.43 21.88
C VAL D 22 -2.29 -0.47 21.43
N SER D 23 -2.58 0.32 20.41
CA SER D 23 -1.62 1.29 19.90
C SER D 23 -1.96 2.67 20.47
N ALA D 24 -1.14 3.66 20.09
CA ALA D 24 -1.34 5.04 20.51
C ALA D 24 -1.47 5.91 19.28
N SER D 25 -2.55 6.69 19.22
CA SER D 25 -2.76 7.61 18.12
C SER D 25 -3.55 8.81 18.62
N ALA D 26 -3.38 9.94 17.94
CA ALA D 26 -4.06 11.17 18.31
C ALA D 26 -4.97 11.71 17.21
N THR D 27 -4.97 11.10 16.03
CA THR D 27 -5.77 11.59 14.92
C THR D 27 -6.98 10.71 14.61
N ALA D 28 -7.06 9.52 15.22
CA ALA D 28 -8.19 8.61 15.00
C ALA D 28 -8.66 8.13 16.37
N VAL D 29 -9.59 8.87 16.96
CA VAL D 29 -10.22 8.51 18.22
C VAL D 29 -11.72 8.43 17.99
N PRO D 30 -12.27 7.22 17.86
CA PRO D 30 -13.67 7.07 17.47
C PRO D 30 -14.63 7.02 18.66
N LEU D 31 -15.92 7.07 18.32
CA LEU D 31 -17.02 7.00 19.30
C LEU D 31 -18.02 5.95 18.82
N PHE D 32 -17.82 4.71 19.23
CA PHE D 32 -18.67 3.62 18.75
C PHE D 32 -20.02 3.67 19.47
N VAL D 33 -21.08 3.95 18.72
CA VAL D 33 -22.45 3.95 19.24
C VAL D 33 -23.05 2.61 18.87
N ALA D 34 -23.16 1.71 19.84
CA ALA D 34 -23.71 0.39 19.60
C ALA D 34 -24.40 -0.09 20.88
N ARG D 35 -24.83 -1.35 20.87
CA ARG D 35 -25.58 -1.92 21.99
C ARG D 35 -24.61 -2.56 22.98
N PHE D 36 -23.90 -1.71 23.70
CA PHE D 36 -22.99 -2.16 24.74
C PHE D 36 -23.74 -2.33 26.05
N THR D 37 -23.49 -3.44 26.73
CA THR D 37 -24.18 -3.73 27.98
C THR D 37 -23.24 -3.51 29.15
N PRO D 38 -23.48 -2.51 29.99
CA PRO D 38 -22.59 -2.26 31.11
C PRO D 38 -22.74 -3.31 32.20
N LEU D 39 -21.75 -3.36 33.08
CA LEU D 39 -21.84 -4.18 34.29
C LEU D 39 -22.40 -3.36 35.46
N LYS D 40 -21.75 -2.26 35.79
CA LYS D 40 -22.31 -1.36 36.78
C LYS D 40 -23.10 -0.26 36.08
N PRO D 41 -24.36 -0.03 36.46
CA PRO D 41 -25.27 0.74 35.61
C PRO D 41 -25.15 2.25 35.70
N GLU D 42 -24.08 2.80 36.29
CA GLU D 42 -23.96 4.26 36.29
C GLU D 42 -23.51 4.79 34.93
N LEU D 43 -22.80 3.98 34.15
CA LEU D 43 -22.34 4.39 32.82
C LEU D 43 -23.27 3.87 31.74
N ALA D 44 -24.55 4.25 31.88
CA ALA D 44 -25.58 3.80 30.94
C ALA D 44 -25.90 4.83 29.87
N GLY D 45 -25.88 6.12 30.20
CA GLY D 45 -26.20 7.15 29.23
C GLY D 45 -25.08 8.14 29.00
N VAL D 46 -23.87 7.80 29.42
CA VAL D 46 -22.74 8.70 29.28
C VAL D 46 -21.69 8.08 28.36
N ILE D 47 -20.64 8.84 28.07
CA ILE D 47 -19.56 8.39 27.21
C ILE D 47 -18.36 8.03 28.08
N THR D 48 -17.85 6.81 27.93
CA THR D 48 -16.73 6.34 28.71
C THR D 48 -15.54 6.06 27.81
N ARG D 49 -14.34 6.26 28.37
CA ARG D 49 -13.09 6.01 27.64
C ARG D 49 -12.63 4.59 27.92
N ILE D 50 -12.28 3.87 26.85
CA ILE D 50 -11.89 2.47 26.92
C ILE D 50 -10.47 2.39 26.35
N GLY D 51 -9.47 2.47 27.23
CA GLY D 51 -8.10 2.60 26.78
C GLY D 51 -7.51 1.34 26.17
N SER D 52 -8.05 0.17 26.53
CA SER D 52 -7.56 -1.09 25.98
C SER D 52 -8.71 -2.09 26.04
N TRP D 53 -8.44 -3.31 25.56
CA TRP D 53 -9.45 -4.35 25.63
C TRP D 53 -9.65 -4.82 27.07
N LEU D 54 -8.62 -4.71 27.90
CA LEU D 54 -8.73 -5.06 29.31
C LEU D 54 -9.66 -4.09 30.04
N ASP D 55 -9.71 -2.84 29.60
CA ASP D 55 -10.64 -1.89 30.20
C ASP D 55 -12.08 -2.17 29.80
N TYR D 56 -12.26 -2.78 28.63
CA TYR D 56 -13.62 -3.12 28.18
C TYR D 56 -14.18 -4.29 28.98
N THR D 57 -13.34 -5.27 29.31
CA THR D 57 -13.83 -6.45 30.02
C THR D 57 -14.15 -6.17 31.48
N ILE D 58 -13.62 -5.09 32.05
CA ILE D 58 -13.90 -4.77 33.44
C ILE D 58 -15.15 -3.90 33.53
N LEU D 59 -15.29 -2.92 32.63
CA LEU D 59 -16.41 -1.98 32.71
C LEU D 59 -17.66 -2.55 32.07
N PHE D 60 -17.52 -3.22 30.94
CA PHE D 60 -18.65 -3.73 30.17
C PHE D 60 -18.67 -5.25 30.20
N ASP D 61 -19.87 -5.81 30.00
CA ASP D 61 -20.02 -7.25 29.88
C ASP D 61 -19.51 -7.67 28.50
N SER D 62 -18.51 -8.53 28.47
CA SER D 62 -17.88 -8.90 27.22
C SER D 62 -18.31 -10.28 26.71
N ASN D 63 -19.10 -11.03 27.48
CA ASN D 63 -19.58 -12.33 27.03
C ASN D 63 -20.96 -12.19 26.38
N VAL D 64 -21.96 -11.81 27.18
CA VAL D 64 -23.34 -11.52 26.79
C VAL D 64 -23.92 -12.67 25.97
N PRO D 65 -24.34 -13.77 26.61
CA PRO D 65 -24.77 -14.96 25.85
C PRO D 65 -26.02 -14.72 25.03
N SER D 66 -26.01 -15.26 23.81
CA SER D 66 -27.06 -15.02 22.83
C SER D 66 -28.32 -15.80 23.19
N SER D 67 -29.41 -15.45 22.51
CA SER D 67 -30.69 -16.09 22.72
C SER D 67 -31.37 -16.41 21.38
N VAL D 106 -32.72 -16.11 18.24
CA VAL D 106 -31.85 -16.12 17.06
C VAL D 106 -31.01 -14.85 17.02
N VAL D 107 -31.29 -13.92 17.94
CA VAL D 107 -30.55 -12.67 18.00
C VAL D 107 -29.17 -12.94 18.60
N ASP D 108 -28.18 -12.17 18.19
CA ASP D 108 -26.80 -12.39 18.62
C ASP D 108 -26.15 -11.05 18.96
N PRO D 109 -25.54 -10.92 20.14
CA PRO D 109 -24.86 -9.67 20.49
C PRO D 109 -23.56 -9.53 19.72
N THR D 110 -23.42 -8.40 19.03
CA THR D 110 -22.29 -8.16 18.13
C THR D 110 -21.49 -6.92 18.50
N ALA D 111 -21.84 -6.23 19.58
CA ALA D 111 -21.11 -5.02 19.95
C ALA D 111 -19.76 -5.32 20.58
N SER D 112 -19.66 -6.41 21.32
CA SER D 112 -18.38 -6.82 21.88
C SER D 112 -17.47 -7.47 20.85
N VAL D 113 -18.05 -8.07 19.81
CA VAL D 113 -17.24 -8.65 18.75
C VAL D 113 -16.64 -7.55 17.89
N ALA D 114 -17.37 -6.45 17.70
CA ALA D 114 -16.90 -5.36 16.84
C ALA D 114 -15.73 -4.60 17.46
N LEU D 115 -15.63 -4.58 18.79
CA LEU D 115 -14.47 -3.93 19.40
C LEU D 115 -13.22 -4.80 19.38
N ARG D 116 -13.37 -6.12 19.42
CA ARG D 116 -12.19 -6.97 19.30
C ARG D 116 -11.57 -6.85 17.92
N LEU D 117 -12.39 -6.68 16.88
CA LEU D 117 -11.85 -6.42 15.56
C LEU D 117 -11.30 -5.01 15.43
N TYR D 118 -11.68 -4.09 16.33
CA TYR D 118 -11.09 -2.76 16.32
C TYR D 118 -9.65 -2.80 16.84
N PHE D 119 -9.41 -3.49 17.95
CA PHE D 119 -8.08 -3.50 18.54
C PHE D 119 -7.14 -4.44 17.78
N GLN D 120 -7.69 -5.40 17.03
CA GLN D 120 -6.85 -6.24 16.19
C GLN D 120 -6.35 -5.49 14.97
N ASN D 121 -7.04 -4.44 14.55
CA ASN D 121 -6.69 -3.68 13.37
C ASN D 121 -6.01 -2.36 13.69
N GLY D 122 -5.58 -2.16 14.93
CA GLY D 122 -5.04 -0.88 15.33
C GLY D 122 -5.95 -0.18 16.34
N GLY D 123 -5.57 -0.23 17.62
CA GLY D 123 -6.42 0.24 18.69
C GLY D 123 -6.41 1.75 18.85
N GLY D 124 -6.89 2.18 20.01
CA GLY D 124 -6.96 3.59 20.33
C GLY D 124 -7.62 3.84 21.66
N PRO D 125 -7.80 5.11 22.01
CA PRO D 125 -8.48 5.43 23.29
C PRO D 125 -9.96 5.08 23.30
N CYS D 126 -10.62 5.04 22.12
CA CYS D 126 -11.87 4.31 21.88
C CYS D 126 -13.03 4.66 22.80
N TYR D 127 -13.59 5.86 22.69
CA TYR D 127 -14.77 6.23 23.45
C TYR D 127 -15.98 5.41 23.03
N LEU D 128 -16.84 5.07 23.99
CA LEU D 128 -18.04 4.28 23.75
C LEU D 128 -19.26 5.01 24.28
N TYR D 129 -20.38 4.87 23.58
CA TYR D 129 -21.66 5.39 24.03
C TYR D 129 -22.71 4.28 23.95
N PRO D 130 -23.03 3.61 25.07
CA PRO D 130 -24.04 2.55 25.02
C PRO D 130 -25.45 3.09 24.81
N LEU D 131 -26.06 2.70 23.69
CA LEU D 131 -27.38 3.17 23.30
C LEU D 131 -28.19 1.94 22.91
N GLU D 132 -29.18 1.59 23.75
CA GLU D 132 -29.75 0.25 23.73
C GLU D 132 -30.69 0.02 22.57
N LYS D 133 -31.79 0.76 22.50
CA LYS D 133 -32.74 0.61 21.41
C LYS D 133 -32.67 1.84 20.53
N ALA D 134 -33.26 1.75 19.34
CA ALA D 134 -33.05 2.79 18.33
C ALA D 134 -33.98 3.97 18.54
N ASP D 135 -35.25 3.71 18.82
CA ASP D 135 -36.29 4.74 18.72
C ASP D 135 -36.38 5.66 19.93
N ASP D 136 -35.48 5.57 20.91
CA ASP D 136 -35.50 6.51 22.05
C ASP D 136 -34.85 7.82 21.63
N ASN D 137 -35.69 8.77 21.20
CA ASN D 137 -35.24 10.05 20.71
C ASN D 137 -34.78 11.00 21.82
N GLY D 138 -34.85 10.56 23.08
CA GLY D 138 -34.28 11.30 24.18
C GLY D 138 -32.76 11.29 24.19
N PRO D 139 -32.15 10.13 24.36
CA PRO D 139 -30.67 10.06 24.34
C PRO D 139 -30.03 10.39 23.00
N LEU D 140 -30.75 10.24 21.89
CA LEU D 140 -30.18 10.63 20.61
C LEU D 140 -30.19 12.15 20.42
N ALA D 141 -31.15 12.84 21.05
CA ALA D 141 -31.13 14.30 20.98
C ALA D 141 -30.05 14.87 21.88
N ALA D 142 -29.70 14.18 22.96
CA ALA D 142 -28.64 14.61 23.86
C ALA D 142 -27.28 14.11 23.45
N LEU D 143 -27.18 13.42 22.31
CA LEU D 143 -25.89 12.87 21.89
C LEU D 143 -24.89 13.92 21.38
N PRO D 144 -25.23 14.86 20.47
CA PRO D 144 -24.19 15.80 20.01
C PRO D 144 -23.73 16.80 21.07
N ASP D 145 -24.47 16.97 22.16
CA ASP D 145 -24.01 17.81 23.24
C ASP D 145 -23.05 17.10 24.18
N LEU D 146 -23.12 15.76 24.25
CA LEU D 146 -22.16 14.99 25.03
C LEU D 146 -20.85 14.78 24.29
N ILE D 147 -20.86 14.85 22.96
CA ILE D 147 -19.63 14.68 22.20
C ILE D 147 -18.73 15.90 22.34
N ASP D 148 -19.34 17.09 22.41
CA ASP D 148 -18.56 18.32 22.53
C ASP D 148 -17.95 18.49 23.91
N GLU D 149 -18.51 17.82 24.93
CA GLU D 149 -17.95 17.93 26.26
C GLU D 149 -16.64 17.18 26.39
N VAL D 150 -16.47 16.10 25.63
CA VAL D 150 -15.20 15.38 25.57
C VAL D 150 -14.38 15.99 24.45
N GLY D 151 -13.09 16.20 24.69
CA GLY D 151 -12.33 17.07 23.81
C GLY D 151 -11.90 16.42 22.50
N GLU D 152 -11.74 15.09 22.50
CA GLU D 152 -10.83 14.47 21.54
C GLU D 152 -11.48 13.44 20.60
N ILE D 153 -12.79 13.51 20.35
CA ILE D 153 -13.38 12.62 19.35
C ILE D 153 -13.09 13.13 17.95
N THR D 154 -12.57 12.26 17.09
CA THR D 154 -12.33 12.58 15.68
C THR D 154 -13.23 11.80 14.73
N LEU D 155 -13.39 10.51 14.96
CA LEU D 155 -14.22 9.64 14.11
C LEU D 155 -15.51 9.30 14.84
N LEU D 156 -16.56 8.98 14.09
CA LEU D 156 -17.82 8.55 14.70
C LEU D 156 -18.05 7.05 14.58
N ALA D 157 -18.35 6.53 13.38
CA ALA D 157 -18.30 5.09 13.04
C ALA D 157 -19.13 4.19 13.96
N SER D 158 -20.46 4.29 13.89
CA SER D 158 -21.33 3.46 14.73
C SER D 158 -21.42 2.03 14.20
N PRO D 159 -20.95 1.00 14.95
CA PRO D 159 -20.83 -0.38 14.44
C PRO D 159 -22.01 -1.31 14.77
N ASP D 160 -23.15 -1.09 14.13
CA ASP D 160 -24.30 -1.91 14.50
C ASP D 160 -24.91 -2.59 13.29
N PRO D 161 -25.27 -3.87 13.38
CA PRO D 161 -25.77 -4.58 12.20
C PRO D 161 -27.19 -4.21 11.80
N ASP D 162 -27.98 -3.58 12.68
CA ASP D 162 -29.33 -3.18 12.32
C ASP D 162 -29.28 -1.97 11.39
N GLU D 163 -30.25 -1.89 10.48
CA GLU D 163 -30.24 -0.84 9.47
C GLU D 163 -30.93 0.42 9.97
N THR D 164 -32.08 0.27 10.63
CA THR D 164 -32.81 1.42 11.15
C THR D 164 -32.17 1.99 12.41
N TYR D 165 -31.30 1.22 13.07
CA TYR D 165 -30.56 1.74 14.21
C TYR D 165 -29.55 2.79 13.77
N ARG D 166 -28.85 2.53 12.66
CA ARG D 166 -27.81 3.44 12.21
C ARG D 166 -28.40 4.70 11.59
N THR D 167 -29.56 4.58 10.95
CA THR D 167 -30.22 5.75 10.36
C THR D 167 -30.67 6.74 11.43
N ALA D 168 -31.07 6.26 12.60
CA ALA D 168 -31.37 7.17 13.70
C ALA D 168 -30.10 7.80 14.26
N VAL D 169 -28.98 7.09 14.19
CA VAL D 169 -27.72 7.66 14.67
C VAL D 169 -27.13 8.61 13.64
N TYR D 170 -27.18 8.24 12.35
CA TYR D 170 -26.60 9.08 11.31
C TYR D 170 -27.38 10.36 11.10
N GLY D 171 -28.69 10.35 11.39
CA GLY D 171 -29.48 11.56 11.32
C GLY D 171 -29.27 12.48 12.51
N ALA D 172 -28.98 11.92 13.67
CA ALA D 172 -28.72 12.73 14.85
C ALA D 172 -27.34 13.37 14.82
N LEU D 173 -26.40 12.79 14.08
CA LEU D 173 -25.05 13.30 14.00
C LEU D 173 -24.79 14.12 12.74
N ALA D 174 -25.78 14.26 11.87
CA ALA D 174 -25.58 14.96 10.60
C ALA D 174 -25.47 16.46 10.78
N ALA D 175 -26.09 17.00 11.83
CA ALA D 175 -26.04 18.45 12.06
C ALA D 175 -24.72 18.88 12.68
N SER D 176 -23.97 17.95 13.27
CA SER D 176 -22.71 18.30 13.90
C SER D 176 -21.51 18.16 12.97
N LEU D 177 -21.72 17.69 11.75
CA LEU D 177 -20.61 17.50 10.82
C LEU D 177 -20.25 18.76 10.06
N ASP D 178 -21.21 19.67 9.84
CA ASP D 178 -20.96 20.90 9.12
C ASP D 178 -20.75 22.10 10.05
N GLN D 179 -20.28 21.86 11.27
CA GLN D 179 -20.07 22.93 12.25
C GLN D 179 -18.60 23.17 12.54
N HIS D 180 -17.71 22.75 11.64
CA HIS D 180 -16.26 23.02 11.68
C HIS D 180 -15.59 22.44 12.93
N LYS D 181 -16.16 21.38 13.49
CA LYS D 181 -15.63 20.78 14.70
C LYS D 181 -14.64 19.66 14.43
N GLY D 182 -14.48 19.26 13.17
CA GLY D 182 -13.47 18.30 12.81
C GLY D 182 -13.85 16.85 12.93
N TYR D 183 -15.14 16.53 13.06
CA TYR D 183 -15.53 15.14 13.13
C TYR D 183 -15.55 14.53 11.74
N PHE D 184 -15.54 13.20 11.70
CA PHE D 184 -15.52 12.49 10.42
C PHE D 184 -16.35 11.22 10.59
N LEU D 185 -17.48 11.16 9.90
CA LEU D 185 -18.39 10.02 10.02
C LEU D 185 -17.97 8.89 9.09
N LEU D 186 -18.01 7.67 9.60
CA LEU D 186 -17.75 6.47 8.81
C LEU D 186 -19.06 5.72 8.68
N ALA D 187 -19.82 6.04 7.64
CA ALA D 187 -21.11 5.43 7.41
C ALA D 187 -20.94 4.11 6.68
N ASP D 188 -22.05 3.38 6.55
CA ASP D 188 -22.05 2.06 5.94
C ASP D 188 -23.21 1.97 4.97
N SER D 189 -22.92 1.55 3.74
CA SER D 189 -23.98 1.39 2.77
C SER D 189 -24.79 0.13 3.07
N VAL D 190 -26.01 0.09 2.55
CA VAL D 190 -26.90 -1.03 2.77
C VAL D 190 -26.98 -1.93 1.55
N ASN D 191 -27.23 -1.34 0.37
CA ASN D 191 -27.23 -2.11 -0.87
C ASN D 191 -26.47 -1.42 -2.00
N GLY D 192 -25.63 -0.44 -1.67
CA GLY D 192 -24.78 0.16 -2.68
C GLY D 192 -25.00 1.64 -2.88
N ASP D 193 -25.48 2.33 -1.83
CA ASP D 193 -25.71 3.77 -1.92
C ASP D 193 -25.56 4.39 -0.55
N ALA D 194 -25.45 5.71 -0.54
CA ALA D 194 -25.31 6.45 0.70
C ALA D 194 -26.60 6.35 1.53
N PRO D 195 -26.48 6.36 2.86
CA PRO D 195 -27.68 6.19 3.70
C PRO D 195 -28.60 7.40 3.79
N SER D 196 -28.30 8.47 3.04
CA SER D 196 -29.15 9.60 2.70
C SER D 196 -29.42 10.56 3.87
N ALA D 197 -28.97 10.21 5.07
CA ALA D 197 -28.95 11.18 6.16
C ALA D 197 -27.75 12.10 6.00
N VAL D 198 -26.69 11.59 5.39
CA VAL D 198 -25.49 12.35 5.09
C VAL D 198 -25.19 12.23 3.60
N GLY D 199 -25.72 13.17 2.82
CA GLY D 199 -25.72 12.98 1.37
C GLY D 199 -24.39 13.31 0.72
N GLY D 200 -23.98 14.58 0.77
CA GLY D 200 -22.82 15.00 0.03
C GLY D 200 -21.86 15.87 0.81
N SER D 201 -21.77 15.65 2.12
CA SER D 201 -20.83 16.40 2.93
C SER D 201 -19.45 15.75 2.85
N ALA D 202 -18.42 16.58 2.96
CA ALA D 202 -17.05 16.10 2.85
C ALA D 202 -16.55 15.40 4.10
N GLN D 203 -17.37 15.29 5.14
CA GLN D 203 -16.95 14.69 6.41
C GLN D 203 -17.37 13.22 6.53
N VAL D 204 -17.83 12.61 5.44
CA VAL D 204 -18.45 11.29 5.49
C VAL D 204 -17.75 10.37 4.51
N ALA D 205 -17.39 9.18 4.98
CA ALA D 205 -16.84 8.11 4.14
C ALA D 205 -17.69 6.87 4.34
N VAL D 206 -18.35 6.41 3.28
CA VAL D 206 -19.22 5.25 3.31
C VAL D 206 -18.38 4.03 2.94
N TYR D 207 -18.71 2.87 3.51
CA TYR D 207 -18.01 1.62 3.22
C TYR D 207 -19.05 0.52 3.05
N TYR D 208 -19.15 -0.04 1.84
CA TYR D 208 -20.32 -0.85 1.51
C TYR D 208 -20.37 -2.27 2.08
N PRO D 209 -19.43 -3.20 1.82
CA PRO D 209 -19.75 -4.61 2.09
C PRO D 209 -19.70 -4.94 3.57
N ASN D 210 -20.75 -5.61 4.04
CA ASN D 210 -20.72 -6.19 5.38
C ASN D 210 -19.71 -7.31 5.43
N VAL D 211 -19.03 -7.42 6.56
CA VAL D 211 -17.88 -8.30 6.71
C VAL D 211 -18.24 -9.38 7.71
N GLU D 212 -17.99 -10.64 7.35
CA GLU D 212 -18.48 -11.79 8.10
C GLU D 212 -17.38 -12.37 8.98
N VAL D 213 -17.77 -12.75 10.20
CA VAL D 213 -16.85 -13.22 11.22
C VAL D 213 -17.28 -14.62 11.61
N PRO D 214 -16.37 -15.60 11.72
CA PRO D 214 -16.72 -16.95 12.18
C PRO D 214 -17.20 -17.00 13.63
N PRO D 265 -21.94 -17.78 10.83
CA PRO D 265 -21.09 -16.60 10.61
C PRO D 265 -21.87 -15.30 10.71
N LEU D 266 -21.55 -14.47 11.69
CA LEU D 266 -22.25 -13.21 11.89
C LEU D 266 -21.64 -12.13 11.02
N SER D 267 -22.50 -11.31 10.42
CA SER D 267 -22.08 -10.27 9.49
C SER D 267 -22.04 -8.93 10.22
N LEU D 268 -20.88 -8.28 10.20
CA LEU D 268 -20.69 -7.01 10.85
C LEU D 268 -20.58 -5.89 9.83
N PRO D 269 -21.08 -4.70 10.15
CA PRO D 269 -20.79 -3.53 9.34
C PRO D 269 -19.32 -3.15 9.52
N PRO D 270 -18.66 -2.71 8.44
CA PRO D 270 -17.20 -2.61 8.47
C PRO D 270 -16.64 -1.39 9.19
N SER D 271 -17.46 -0.55 9.81
CA SER D 271 -16.97 0.71 10.37
C SER D 271 -16.10 0.51 11.59
N ALA D 272 -16.28 -0.58 12.34
CA ALA D 272 -15.42 -0.86 13.49
C ALA D 272 -14.03 -1.27 13.04
N LEU D 273 -13.92 -1.86 11.85
CA LEU D 273 -12.61 -2.28 11.35
C LEU D 273 -11.90 -1.13 10.64
N ILE D 274 -12.65 -0.29 9.93
CA ILE D 274 -12.03 0.81 9.19
C ILE D 274 -11.56 1.90 10.15
N ALA D 275 -12.26 2.05 11.29
CA ALA D 275 -11.79 2.93 12.34
C ALA D 275 -10.49 2.43 12.95
N GLY D 276 -10.27 1.11 12.91
CA GLY D 276 -8.99 0.57 13.33
C GLY D 276 -7.88 0.88 12.34
N VAL D 277 -8.16 0.75 11.04
CA VAL D 277 -7.09 0.86 10.06
C VAL D 277 -6.76 2.33 9.78
N TYR D 278 -7.58 3.27 10.26
CA TYR D 278 -7.18 4.66 10.22
C TYR D 278 -6.07 4.91 11.24
N GLY D 279 -6.20 4.35 12.43
CA GLY D 279 -5.18 4.54 13.45
C GLY D 279 -3.89 3.81 13.11
N LYS D 280 -3.99 2.71 12.38
CA LYS D 280 -2.78 2.01 11.94
C LYS D 280 -2.07 2.78 10.84
N THR D 281 -2.83 3.38 9.92
CA THR D 281 -2.23 4.08 8.80
C THR D 281 -1.62 5.41 9.24
N ASP D 282 -2.31 6.11 10.15
CA ASP D 282 -1.82 7.42 10.60
C ASP D 282 -0.59 7.28 11.47
N GLY D 283 -0.49 6.19 12.23
CA GLY D 283 0.68 5.97 13.05
C GLY D 283 1.90 5.59 12.23
N GLU D 284 1.69 4.86 11.14
CA GLU D 284 2.79 4.36 10.33
C GLU D 284 3.12 5.26 9.15
N ARG D 285 2.14 5.98 8.60
CA ARG D 285 2.36 6.76 7.39
C ARG D 285 1.91 8.21 7.48
N GLY D 286 1.01 8.55 8.40
CA GLY D 286 0.50 9.90 8.52
C GLY D 286 -0.91 10.03 7.96
N VAL D 287 -1.56 11.14 8.30
CA VAL D 287 -2.93 11.38 7.86
C VAL D 287 -3.02 11.76 6.39
N TRP D 288 -1.91 12.16 5.79
CA TRP D 288 -1.88 12.51 4.37
C TRP D 288 -1.78 11.31 3.46
N LYS D 289 -1.63 10.12 4.03
CA LYS D 289 -1.62 8.88 3.25
C LYS D 289 -3.02 8.32 3.14
N ALA D 290 -3.38 7.86 1.95
CA ALA D 290 -4.69 7.28 1.71
C ALA D 290 -4.82 5.93 2.43
N PRO D 291 -5.81 5.76 3.29
CA PRO D 291 -5.97 4.49 4.04
C PRO D 291 -6.69 3.43 3.21
N ALA D 292 -6.08 3.02 2.10
CA ALA D 292 -6.79 2.17 1.16
C ALA D 292 -5.93 1.07 0.54
N ASN D 293 -4.94 0.55 1.26
CA ASN D 293 -4.34 -0.73 0.90
C ASN D 293 -4.07 -1.59 2.12
N VAL D 294 -4.82 -1.41 3.17
CA VAL D 294 -4.60 -2.13 4.42
C VAL D 294 -5.39 -3.42 4.36
N VAL D 295 -4.71 -4.54 4.66
CA VAL D 295 -5.35 -5.84 4.73
C VAL D 295 -6.00 -5.98 6.09
N LEU D 296 -7.28 -6.33 6.11
CA LEU D 296 -8.05 -6.39 7.33
C LEU D 296 -7.69 -7.65 8.11
N ASN D 297 -7.20 -7.48 9.34
CA ASN D 297 -6.90 -8.62 10.19
C ASN D 297 -8.18 -9.15 10.81
N GLY D 298 -8.09 -10.36 11.36
CA GLY D 298 -9.27 -10.92 11.98
C GLY D 298 -10.11 -11.70 10.99
N VAL D 299 -11.06 -10.99 10.39
CA VAL D 299 -12.13 -11.49 9.52
C VAL D 299 -11.64 -12.31 8.34
N SER D 300 -12.53 -13.13 7.79
CA SER D 300 -12.20 -14.04 6.70
C SER D 300 -12.73 -13.59 5.35
N ASP D 301 -14.03 -13.31 5.25
CA ASP D 301 -14.64 -13.04 3.96
C ASP D 301 -15.77 -12.03 4.13
N VAL D 302 -16.00 -11.26 3.07
CA VAL D 302 -17.09 -10.30 3.01
C VAL D 302 -18.40 -11.01 2.70
N SER D 303 -19.52 -10.32 2.87
CA SER D 303 -20.83 -10.92 2.60
C SER D 303 -21.16 -10.92 1.11
N VAL D 304 -20.70 -9.91 0.38
CA VAL D 304 -20.94 -9.79 -1.06
C VAL D 304 -19.60 -9.58 -1.74
N ARG D 305 -19.25 -10.46 -2.67
CA ARG D 305 -18.04 -10.29 -3.46
C ARG D 305 -18.34 -9.33 -4.60
N VAL D 306 -17.72 -8.16 -4.56
CA VAL D 306 -18.06 -7.06 -5.45
C VAL D 306 -17.15 -7.10 -6.67
N THR D 307 -17.76 -7.06 -7.86
CA THR D 307 -17.01 -7.07 -9.11
C THR D 307 -16.49 -5.68 -9.43
N ASN D 308 -15.77 -5.56 -10.56
CA ASN D 308 -15.30 -4.26 -11.00
C ASN D 308 -16.43 -3.43 -11.58
N GLU D 309 -17.37 -4.07 -12.28
CA GLU D 309 -18.37 -3.34 -13.05
C GLU D 309 -19.40 -2.66 -12.15
N GLN D 310 -19.66 -3.23 -10.98
CA GLN D 310 -20.52 -2.55 -10.03
C GLN D 310 -19.74 -1.59 -9.14
N GLN D 311 -18.42 -1.78 -9.03
CA GLN D 311 -17.63 -0.74 -8.38
C GLN D 311 -17.42 0.45 -9.30
N ALA D 312 -17.48 0.25 -10.62
CA ALA D 312 -17.38 1.32 -11.59
C ALA D 312 -18.55 2.28 -11.57
N GLU D 313 -19.71 1.85 -11.06
CA GLU D 313 -20.84 2.75 -10.85
C GLU D 313 -20.92 3.24 -9.41
N LEU D 314 -20.11 2.67 -8.52
CA LEU D 314 -20.05 3.05 -7.12
C LEU D 314 -18.90 3.98 -6.78
N ASN D 315 -17.72 3.79 -7.38
CA ASN D 315 -16.59 4.64 -7.04
C ASN D 315 -16.69 6.09 -7.52
N PRO D 316 -17.47 6.45 -8.58
CA PRO D 316 -17.84 7.87 -8.70
C PRO D 316 -19.03 8.28 -7.85
N LYS D 317 -19.08 7.71 -6.66
CA LYS D 317 -19.70 8.20 -5.44
C LYS D 317 -18.72 7.80 -4.35
N GLY D 318 -18.93 8.26 -3.13
CA GLY D 318 -18.03 7.76 -2.11
C GLY D 318 -18.59 6.50 -1.51
N ILE D 319 -18.21 5.33 -2.04
CA ILE D 319 -18.75 4.07 -1.56
C ILE D 319 -17.66 3.17 -0.97
N ASN D 320 -16.45 3.19 -1.56
CA ASN D 320 -15.21 2.69 -0.95
C ASN D 320 -15.30 1.20 -0.60
N VAL D 321 -15.36 0.39 -1.65
CA VAL D 321 -15.67 -1.03 -1.53
C VAL D 321 -14.51 -1.77 -0.85
N ILE D 322 -14.86 -2.64 0.09
CA ILE D 322 -13.95 -3.65 0.64
C ILE D 322 -13.87 -4.78 -0.37
N ARG D 323 -12.71 -4.95 -1.00
CA ARG D 323 -12.52 -5.95 -2.04
C ARG D 323 -11.77 -7.16 -1.50
N HIS D 324 -11.91 -8.27 -2.20
CA HIS D 324 -11.16 -9.49 -1.90
C HIS D 324 -10.17 -9.77 -3.01
N PHE D 325 -8.90 -9.85 -2.66
CA PHE D 325 -7.84 -10.26 -3.56
C PHE D 325 -7.30 -11.60 -3.07
N SER D 326 -7.02 -12.51 -4.01
CA SER D 326 -6.72 -13.88 -3.64
C SER D 326 -5.35 -14.00 -3.00
N ASP D 327 -4.39 -13.19 -3.43
CA ASP D 327 -3.05 -13.27 -2.86
C ASP D 327 -2.95 -12.53 -1.54
N ARG D 328 -3.81 -11.53 -1.33
CA ARG D 328 -3.68 -10.65 -0.17
C ARG D 328 -4.73 -10.89 0.90
N GLY D 329 -5.99 -11.06 0.51
CA GLY D 329 -7.05 -11.24 1.49
C GLY D 329 -8.14 -10.22 1.33
N LEU D 330 -8.51 -9.53 2.40
CA LEU D 330 -9.53 -8.49 2.36
C LEU D 330 -8.84 -7.15 2.46
N VAL D 331 -8.89 -6.38 1.38
CA VAL D 331 -8.19 -5.09 1.29
C VAL D 331 -9.24 -4.01 1.16
N VAL D 332 -9.14 -2.97 1.99
CA VAL D 332 -9.98 -1.80 1.80
C VAL D 332 -9.52 -1.07 0.55
N TRP D 333 -10.48 -0.70 -0.30
CA TRP D 333 -10.14 -0.36 -1.68
C TRP D 333 -11.00 0.82 -2.09
N GLY D 334 -10.46 2.03 -1.91
CA GLY D 334 -11.20 3.25 -2.17
C GLY D 334 -10.98 4.27 -1.08
N SER D 335 -10.74 5.52 -1.45
CA SER D 335 -10.44 6.57 -0.48
C SER D 335 -11.15 7.88 -0.86
N ARG D 336 -12.43 7.80 -1.20
CA ARG D 336 -13.21 8.98 -1.53
C ARG D 336 -14.23 9.31 -0.44
N THR D 337 -14.56 10.60 -0.36
CA THR D 337 -15.61 11.10 0.51
C THR D 337 -16.89 11.28 -0.29
N GLN D 338 -17.95 11.76 0.37
CA GLN D 338 -19.22 12.01 -0.28
C GLN D 338 -19.20 13.27 -1.14
N LYS D 339 -18.24 14.16 -0.94
CA LYS D 339 -18.20 15.41 -1.69
C LYS D 339 -17.60 15.17 -3.07
N ASP D 340 -18.29 15.63 -4.10
CA ASP D 340 -17.85 15.43 -5.48
C ASP D 340 -17.00 16.61 -5.98
N ASP D 341 -16.64 17.52 -5.08
CA ASP D 341 -15.81 18.66 -5.46
C ASP D 341 -14.38 18.20 -5.74
N ASP D 342 -13.66 19.01 -6.53
CA ASP D 342 -12.27 18.69 -6.84
C ASP D 342 -11.38 18.90 -5.62
N ASP D 343 -11.80 19.76 -4.69
CA ASP D 343 -10.99 20.04 -3.52
C ASP D 343 -11.07 18.90 -2.50
N TRP D 344 -12.29 18.51 -2.12
CA TRP D 344 -12.48 17.61 -0.99
C TRP D 344 -12.95 16.23 -1.44
N ARG D 345 -12.39 15.75 -2.55
CA ARG D 345 -12.79 14.47 -3.12
C ARG D 345 -12.26 13.30 -2.31
N TYR D 346 -11.03 13.40 -1.82
CA TYR D 346 -10.33 12.27 -1.23
C TYR D 346 -10.35 12.34 0.28
N ILE D 347 -10.33 11.16 0.91
CA ILE D 347 -10.18 11.08 2.37
C ILE D 347 -8.86 11.66 2.88
N PRO D 348 -7.67 11.33 2.33
CA PRO D 348 -6.45 11.87 2.98
C PRO D 348 -6.24 13.35 2.81
N VAL D 349 -6.85 13.97 1.80
CA VAL D 349 -6.79 15.43 1.69
C VAL D 349 -7.70 16.07 2.72
N ARG D 350 -8.86 15.46 2.96
CA ARG D 350 -9.82 16.02 3.91
C ARG D 350 -9.34 15.87 5.35
N ARG D 351 -8.82 14.70 5.71
CA ARG D 351 -8.37 14.48 7.09
C ARG D 351 -7.02 15.10 7.38
N LEU D 352 -6.27 15.52 6.36
CA LEU D 352 -5.09 16.33 6.60
C LEU D 352 -5.46 17.72 7.09
N PHE D 353 -6.43 18.35 6.42
CA PHE D 353 -6.92 19.65 6.85
C PHE D 353 -7.68 19.59 8.17
N ASP D 354 -8.37 18.49 8.46
CA ASP D 354 -9.03 18.38 9.77
C ASP D 354 -8.02 18.19 10.89
N ALA D 355 -6.90 17.51 10.62
CA ALA D 355 -5.90 17.29 11.65
C ALA D 355 -4.99 18.50 11.84
N ALA D 356 -4.76 19.27 10.77
CA ALA D 356 -3.93 20.46 10.90
C ALA D 356 -4.69 21.57 11.61
N GLU D 357 -5.98 21.70 11.33
CA GLU D 357 -6.81 22.69 12.03
C GLU D 357 -6.99 22.32 13.49
N ARG D 358 -6.95 21.03 13.82
CA ARG D 358 -7.11 20.61 15.21
C ARG D 358 -5.84 20.86 16.01
N ASP D 359 -4.68 20.72 15.39
CA ASP D 359 -3.42 20.90 16.11
C ASP D 359 -3.00 22.36 16.18
N ILE D 360 -3.39 23.17 15.19
CA ILE D 360 -3.20 24.62 15.30
C ILE D 360 -4.09 25.19 16.39
N LYS D 361 -5.32 24.69 16.50
CA LYS D 361 -6.24 25.15 17.52
C LYS D 361 -5.75 24.83 18.93
N LYS D 362 -5.13 23.67 19.10
CA LYS D 362 -4.55 23.32 20.40
C LYS D 362 -3.30 24.11 20.72
N ALA D 363 -2.65 24.70 19.72
CA ALA D 363 -1.44 25.47 19.93
C ALA D 363 -1.72 26.94 20.21
N LEU D 364 -2.85 27.47 19.75
CA LEU D 364 -3.15 28.89 19.89
C LEU D 364 -4.01 29.19 21.10
N GLN D 365 -4.58 28.18 21.75
CA GLN D 365 -5.35 28.42 22.97
C GLN D 365 -4.55 28.96 24.16
N PRO D 366 -3.25 28.72 24.33
CA PRO D 366 -2.49 29.57 25.26
C PRO D 366 -2.41 31.04 24.87
N MET D 367 -2.59 31.39 23.60
CA MET D 367 -2.56 32.77 23.17
C MET D 367 -3.94 33.44 23.17
N VAL D 368 -4.88 32.92 23.95
CA VAL D 368 -6.19 33.55 24.10
C VAL D 368 -6.14 34.37 25.38
N PHE D 369 -6.83 35.52 25.37
CA PHE D 369 -6.86 36.55 26.42
C PHE D 369 -5.48 37.21 26.60
N GLU D 370 -4.65 37.16 25.58
CA GLU D 370 -3.46 37.97 25.48
C GLU D 370 -3.84 39.38 25.04
N PRO D 371 -2.97 40.36 25.24
CA PRO D 371 -3.24 41.70 24.67
C PRO D 371 -3.25 41.66 23.15
N ASN D 372 -4.33 42.18 22.57
CA ASN D 372 -4.53 42.14 21.12
C ASN D 372 -3.69 43.23 20.47
N SER D 373 -2.39 42.98 20.39
CA SER D 373 -1.42 43.91 19.84
C SER D 373 -0.62 43.23 18.75
N GLN D 374 0.27 43.99 18.11
CA GLN D 374 1.04 43.48 16.99
C GLN D 374 2.13 42.52 17.45
N LEU D 375 2.54 42.60 18.72
CA LEU D 375 3.48 41.65 19.29
C LEU D 375 2.83 40.27 19.44
N THR D 376 1.55 40.21 19.78
CA THR D 376 0.86 38.94 19.90
C THR D 376 0.59 38.32 18.54
N TRP D 377 0.31 39.14 17.53
CA TRP D 377 0.00 38.65 16.19
C TRP D 377 1.20 37.98 15.55
N LYS D 378 2.41 38.42 15.90
CA LYS D 378 3.61 37.77 15.41
C LYS D 378 3.95 36.51 16.21
N ARG D 379 3.55 36.45 17.48
CA ARG D 379 3.73 35.23 18.25
C ARG D 379 2.78 34.15 17.79
N VAL D 380 1.62 34.53 17.26
CA VAL D 380 0.66 33.57 16.74
C VAL D 380 1.05 33.12 15.32
N GLN D 381 1.61 34.05 14.53
CA GLN D 381 2.04 33.71 13.17
C GLN D 381 3.22 32.74 13.19
N THR D 382 4.13 32.87 14.16
CA THR D 382 5.28 31.99 14.22
C THR D 382 4.89 30.61 14.72
N ALA D 383 3.91 30.54 15.63
CA ALA D 383 3.46 29.25 16.14
C ALA D 383 2.74 28.44 15.07
N ILE D 384 2.12 29.11 14.10
CA ILE D 384 1.52 28.38 12.99
C ILE D 384 2.58 28.06 11.95
N ASP D 385 3.53 28.97 11.73
CA ASP D 385 4.59 28.76 10.75
C ASP D 385 5.55 27.66 11.18
N ASN D 386 5.76 27.49 12.48
CA ASN D 386 6.59 26.38 12.95
C ASN D 386 5.87 25.06 12.80
N TYR D 387 4.54 25.06 12.90
CA TYR D 387 3.80 23.82 12.74
C TYR D 387 3.73 23.42 11.27
N LEU D 388 3.47 24.38 10.39
CA LEU D 388 3.35 24.06 8.97
C LEU D 388 4.68 23.75 8.33
N TYR D 389 5.80 24.19 8.91
CA TYR D 389 7.10 23.81 8.38
C TYR D 389 7.41 22.36 8.67
N ARG D 390 7.06 21.86 9.87
CA ARG D 390 7.36 20.48 10.19
C ARG D 390 6.31 19.50 9.68
N LEU D 391 5.26 20.00 9.03
CA LEU D 391 4.46 19.12 8.18
C LEU D 391 5.08 18.99 6.79
N TRP D 392 5.62 20.09 6.28
CA TRP D 392 6.22 20.08 4.94
C TRP D 392 7.47 19.23 4.90
N GLN D 393 8.28 19.26 5.95
CA GLN D 393 9.53 18.52 5.91
C GLN D 393 9.37 17.06 6.28
N GLN D 394 8.16 16.60 6.61
CA GLN D 394 7.90 15.18 6.75
C GLN D 394 6.99 14.65 5.65
N GLY D 395 6.74 15.44 4.61
CA GLY D 395 6.07 14.97 3.43
C GLY D 395 4.58 15.20 3.33
N ALA D 396 3.99 15.95 4.26
CA ALA D 396 2.55 16.12 4.26
C ALA D 396 2.09 17.07 3.17
N LEU D 397 2.78 18.17 2.97
CA LEU D 397 2.34 19.21 2.05
C LEU D 397 3.04 19.06 0.71
N ALA D 398 2.31 19.41 -0.36
CA ALA D 398 2.80 19.23 -1.72
C ALA D 398 3.50 20.51 -2.15
N GLY D 399 4.78 20.59 -1.82
CA GLY D 399 5.59 21.72 -2.22
C GLY D 399 7.02 21.29 -2.49
N ASN D 400 7.78 22.22 -3.04
CA ASN D 400 9.18 22.00 -3.34
C ASN D 400 10.07 23.13 -2.81
N LYS D 401 9.49 24.17 -2.22
CA LYS D 401 10.23 25.36 -1.84
C LYS D 401 9.92 25.83 -0.43
N ALA D 402 8.77 25.39 0.14
CA ALA D 402 8.11 25.75 1.40
C ALA D 402 7.45 27.13 1.34
N GLU D 403 7.64 27.86 0.24
CA GLU D 403 6.76 28.97 -0.10
C GLU D 403 5.69 28.55 -1.10
N GLU D 404 5.82 27.36 -1.68
CA GLU D 404 4.77 26.78 -2.50
C GLU D 404 3.89 25.83 -1.72
N ALA D 405 4.26 25.52 -0.47
CA ALA D 405 3.46 24.60 0.33
C ALA D 405 2.41 25.33 1.15
N TYR D 406 2.77 26.44 1.77
CA TYR D 406 1.88 27.09 2.73
C TYR D 406 2.17 28.58 2.79
N PHE D 407 1.31 29.29 3.51
CA PHE D 407 1.52 30.69 3.86
C PHE D 407 0.70 31.01 5.10
N VAL D 408 1.20 31.92 5.93
CA VAL D 408 0.48 32.45 7.08
C VAL D 408 0.49 33.97 6.97
N ARG D 409 -0.68 34.59 7.10
CA ARG D 409 -0.82 36.03 6.96
C ARG D 409 -1.61 36.61 8.12
N VAL D 410 -1.07 37.65 8.74
CA VAL D 410 -1.77 38.39 9.79
C VAL D 410 -1.22 39.81 9.79
N GLY D 411 -2.08 40.76 10.11
CA GLY D 411 -1.67 42.15 10.16
C GLY D 411 -2.86 43.04 10.47
N LYS D 412 -2.66 44.34 10.36
CA LYS D 412 -3.79 45.25 10.55
C LYS D 412 -4.32 45.80 9.23
N GLY D 413 -3.45 46.17 8.29
CA GLY D 413 -3.94 46.46 6.95
C GLY D 413 -4.33 45.20 6.21
N ILE D 414 -3.67 44.09 6.52
CA ILE D 414 -3.91 42.80 5.89
C ILE D 414 -4.75 41.98 6.87
N THR D 415 -5.81 41.34 6.38
CA THR D 415 -6.71 40.38 7.03
C THR D 415 -7.58 40.98 8.13
N MET D 416 -7.41 42.24 8.52
CA MET D 416 -8.24 42.83 9.55
C MET D 416 -8.56 44.28 9.22
N THR D 417 -9.47 44.85 10.00
CA THR D 417 -9.74 46.27 10.04
C THR D 417 -9.68 46.71 11.49
N GLN D 418 -9.54 48.02 11.72
CA GLN D 418 -9.40 48.56 13.06
C GLN D 418 -10.67 48.37 13.89
N ASP D 419 -11.84 48.31 13.23
CA ASP D 419 -13.08 48.02 13.93
C ASP D 419 -13.13 46.59 14.44
N GLU D 420 -12.35 45.69 13.87
CA GLU D 420 -12.33 44.29 14.30
C GLU D 420 -11.38 44.03 15.45
N ILE D 421 -10.29 44.79 15.56
CA ILE D 421 -9.45 44.72 16.75
C ILE D 421 -10.20 45.23 17.96
N ASN D 422 -11.00 46.29 17.78
CA ASN D 422 -11.69 46.93 18.90
C ASN D 422 -12.77 46.05 19.50
N GLN D 423 -13.33 45.13 18.73
CA GLN D 423 -14.26 44.15 19.26
C GLN D 423 -13.56 42.86 19.69
N GLY D 424 -12.24 42.85 19.69
CA GLY D 424 -11.47 41.85 20.40
C GLY D 424 -11.15 40.56 19.68
N LYS D 425 -10.86 40.62 18.39
CA LYS D 425 -10.59 39.40 17.63
C LYS D 425 -9.41 39.63 16.71
N MET D 426 -8.69 38.54 16.41
CA MET D 426 -7.66 38.55 15.39
C MET D 426 -8.01 37.55 14.31
N ILE D 427 -7.72 37.90 13.06
CA ILE D 427 -8.10 37.11 11.90
C ILE D 427 -6.84 36.71 11.15
N ILE D 428 -6.69 35.40 10.92
CA ILE D 428 -5.48 34.81 10.37
C ILE D 428 -5.87 34.05 9.11
N GLN D 429 -5.11 34.22 8.04
CA GLN D 429 -5.33 33.48 6.81
C GLN D 429 -4.23 32.46 6.62
N VAL D 430 -4.59 31.18 6.69
CA VAL D 430 -3.67 30.07 6.55
C VAL D 430 -4.07 29.28 5.30
N GLY D 431 -3.09 28.97 4.47
CA GLY D 431 -3.34 28.14 3.30
C GLY D 431 -2.33 27.01 3.24
N MET D 432 -2.75 25.90 2.62
CA MET D 432 -1.90 24.74 2.45
C MET D 432 -2.10 24.15 1.06
N ALA D 433 -1.23 23.20 0.71
CA ALA D 433 -1.29 22.53 -0.58
C ALA D 433 -1.00 21.06 -0.36
N ALA D 434 -2.00 20.21 -0.54
CA ALA D 434 -1.86 18.77 -0.32
C ALA D 434 -1.65 18.04 -1.64
N VAL D 435 -1.17 16.81 -1.53
CA VAL D 435 -0.90 15.96 -2.69
C VAL D 435 -2.02 14.91 -2.77
N ARG D 436 -2.42 14.56 -4.01
CA ARG D 436 -3.51 13.63 -4.27
C ARG D 436 -2.97 12.26 -4.63
N PRO D 437 -3.64 11.19 -4.23
CA PRO D 437 -3.12 9.84 -4.50
C PRO D 437 -3.33 9.40 -5.94
N ALA D 438 -2.51 8.43 -6.35
CA ALA D 438 -2.62 7.79 -7.65
C ALA D 438 -3.53 6.59 -7.52
N GLU D 439 -4.73 6.69 -8.09
CA GLU D 439 -5.70 5.60 -7.99
C GLU D 439 -5.96 4.90 -9.32
N PHE D 440 -5.37 5.36 -10.41
CA PHE D 440 -5.54 4.67 -11.69
C PHE D 440 -4.18 4.43 -12.31
N ILE D 441 -3.89 3.18 -12.66
CA ILE D 441 -2.65 2.81 -13.32
C ILE D 441 -3.00 2.11 -14.61
N ILE D 442 -2.57 2.69 -15.74
CA ILE D 442 -2.85 2.16 -17.07
C ILE D 442 -1.54 1.61 -17.62
N LEU D 443 -1.56 0.36 -18.10
CA LEU D 443 -0.34 -0.35 -18.43
C LEU D 443 0.07 -0.28 -19.89
N LYS D 444 -0.87 -0.41 -20.84
CA LYS D 444 -0.65 -0.18 -22.28
C LYS D 444 0.45 -1.07 -22.86
N PHE D 445 0.21 -2.37 -22.90
CA PHE D 445 1.26 -3.26 -23.39
C PHE D 445 1.34 -3.23 -24.91
N THR D 446 2.46 -3.74 -25.42
CA THR D 446 2.68 -3.92 -26.85
C THR D 446 3.76 -4.97 -27.04
N GLN D 447 4.02 -5.32 -28.30
CA GLN D 447 5.15 -6.18 -28.61
C GLN D 447 5.87 -5.72 -29.87
N ASP D 448 5.80 -4.43 -30.16
CA ASP D 448 6.50 -3.82 -31.28
C ASP D 448 7.67 -3.01 -30.74
N MET D 449 8.86 -3.25 -31.30
CA MET D 449 10.06 -2.52 -30.90
C MET D 449 11.12 -2.54 -31.99
#